data_6ZBW
#
_entry.id   6ZBW
#
_cell.length_a   43.861
_cell.length_b   66.422
_cell.length_c   98.892
_cell.angle_alpha   90.000
_cell.angle_beta   100.130
_cell.angle_gamma   90.000
#
_symmetry.space_group_name_H-M   'P 1 21 1'
#
loop_
_entity.id
_entity.type
_entity.pdbx_description
1 polymer Alpha-1,6-mannanase
2 branched alpha-D-mannopyranose-(1-6)-alpha-D-mannopyranose
3 non-polymer (1~{S},4~{S},5~{R})-6-(hydroxymethyl)cyclohexane-1,2,3,4,5-pentol
4 non-polymer 1,2-ETHANEDIOL
5 water water
#
_entity_poly.entity_id   1
_entity_poly.type   'polypeptide(L)'
_entity_poly.pdbx_seq_one_letter_code
;MGSSHHHHHHSSGLEVLFQGPAYTASDGDTAMKAFNDTFWDPNAKMFWKDSKREKHQDFWVEAELWELVMDAYQHTSDPA
LKAELKTQIDDVYDGTVAKYGQDWTNNPFNDNIMWWAMGSARAYQITGNPRYLEAARDHFDFVYDTQWDEEFANGGIWWL
NSDHNTKNACINFPAAQAALYLYDITKDEHYLNAATKIFRWGKTMLTDGNGKVFDRIEIEHGAVPDATHYNQGTYIGSAV
GLYKATGNAVYLDDAVKAAKFTKNHLVDSNGVLNYEGPNGDLKGGKTILMRNLAHLQKTLDETGQYPEFSAEFDEWLAFN
IEMAWSHQNSDHIVDGNWAGQLLSGTYESWSSAAAVQALNGI
;
_entity_poly.pdbx_strand_id   A,B
#
# COMPACT_ATOMS: atom_id res chain seq x y z
N SER A 26 11.49 6.38 2.65
CA SER A 26 10.03 6.62 2.50
C SER A 26 9.39 5.55 1.60
N ASP A 27 8.09 5.34 1.75
CA ASP A 27 7.33 4.48 0.81
C ASP A 27 7.51 4.97 -0.64
N GLY A 28 7.72 6.29 -0.82
CA GLY A 28 7.89 6.89 -2.16
C GLY A 28 9.17 6.42 -2.80
N ASP A 29 10.20 6.22 -2.00
CA ASP A 29 11.53 5.71 -2.43
C ASP A 29 11.35 4.28 -2.92
N THR A 30 10.70 3.42 -2.11
CA THR A 30 10.46 2.00 -2.43
C THR A 30 9.64 1.94 -3.73
N ALA A 31 8.60 2.75 -3.85
CA ALA A 31 7.73 2.72 -5.04
C ALA A 31 8.50 3.14 -6.31
N MET A 32 9.27 4.21 -6.23
CA MET A 32 10.03 4.68 -7.41
C MET A 32 11.14 3.69 -7.78
N LYS A 33 11.88 3.15 -6.81
CA LYS A 33 12.93 2.20 -7.17
C LYS A 33 12.30 0.99 -7.83
N ALA A 34 11.18 0.52 -7.30
CA ALA A 34 10.49 -0.66 -7.86
C ALA A 34 10.06 -0.36 -9.29
N PHE A 35 9.52 0.83 -9.52
CA PHE A 35 8.98 1.23 -10.84
C PHE A 35 10.15 1.24 -11.84
N ASN A 36 11.29 1.83 -11.44
CA ASN A 36 12.54 1.83 -12.27
C ASN A 36 12.99 0.37 -12.50
N ASP A 37 13.03 -0.47 -11.46
CA ASP A 37 13.58 -1.84 -11.62
C ASP A 37 12.73 -2.60 -12.64
N THR A 38 11.41 -2.37 -12.61
CA THR A 38 10.42 -3.12 -13.45
C THR A 38 10.40 -2.54 -14.87
N PHE A 39 10.48 -1.20 -15.02
CA PHE A 39 10.07 -0.59 -16.30
C PHE A 39 11.16 0.24 -16.97
N TRP A 40 12.22 0.62 -16.30
CA TRP A 40 13.25 1.49 -16.91
C TRP A 40 14.19 0.65 -17.78
N ASP A 41 14.47 1.16 -18.98
CA ASP A 41 15.43 0.49 -19.92
C ASP A 41 16.67 1.38 -20.02
N PRO A 42 17.78 1.03 -19.35
CA PRO A 42 18.96 1.89 -19.32
C PRO A 42 19.70 2.00 -20.66
N ASN A 43 19.42 1.07 -21.57
CA ASN A 43 20.04 1.08 -22.93
C ASN A 43 19.35 2.14 -23.80
N ALA A 44 18.03 2.04 -23.96
CA ALA A 44 17.31 3.02 -24.78
C ALA A 44 17.08 4.30 -24.01
N LYS A 45 17.25 4.29 -22.70
CA LYS A 45 16.94 5.46 -21.85
C LYS A 45 15.48 5.85 -22.07
N MET A 46 14.63 4.86 -21.96
CA MET A 46 13.17 5.04 -22.01
C MET A 46 12.50 4.02 -21.09
N PHE A 47 11.30 4.33 -20.62
CA PHE A 47 10.50 3.29 -19.93
C PHE A 47 9.91 2.31 -20.95
N TRP A 48 9.88 1.03 -20.57
CA TRP A 48 9.06 0.00 -21.25
C TRP A 48 7.57 0.32 -21.04
N LYS A 49 6.73 -0.02 -22.01
CA LYS A 49 5.27 0.22 -21.91
C LYS A 49 4.64 -0.74 -20.91
N ASP A 50 5.18 -1.95 -20.80
CA ASP A 50 4.58 -2.91 -19.85
C ASP A 50 5.67 -3.89 -19.43
N SER A 51 5.32 -4.83 -18.55
CA SER A 51 6.25 -5.75 -17.88
C SER A 51 6.66 -6.89 -18.83
N LYS A 52 6.11 -6.94 -20.03
CA LYS A 52 6.64 -7.83 -21.12
C LYS A 52 7.88 -7.21 -21.78
N ARG A 53 8.13 -5.92 -21.62
CA ARG A 53 9.35 -5.27 -22.18
C ARG A 53 9.47 -5.59 -23.68
N GLU A 54 8.42 -5.37 -24.44
CA GLU A 54 8.42 -5.57 -25.91
C GLU A 54 8.44 -4.23 -26.64
N LYS A 55 7.86 -3.17 -26.09
CA LYS A 55 7.75 -1.84 -26.73
C LYS A 55 7.98 -0.77 -25.66
N HIS A 56 8.56 0.33 -26.06
CA HIS A 56 8.73 1.45 -25.12
C HIS A 56 7.45 2.29 -25.01
N GLN A 57 7.36 3.04 -23.93
CA GLN A 57 6.20 3.91 -23.65
C GLN A 57 5.95 4.87 -24.83
N ASP A 58 4.68 5.21 -25.00
CA ASP A 58 4.24 6.23 -25.96
C ASP A 58 4.92 7.56 -25.61
N PHE A 59 5.10 8.40 -26.62
CA PHE A 59 5.80 9.69 -26.52
C PHE A 59 5.18 10.51 -25.37
N TRP A 60 3.89 10.84 -25.42
CA TRP A 60 3.37 11.81 -24.43
C TRP A 60 3.45 11.23 -23.03
N VAL A 61 3.16 9.96 -22.88
CA VAL A 61 3.21 9.32 -21.54
C VAL A 61 4.64 9.35 -21.04
N GLU A 62 5.61 9.28 -21.93
CA GLU A 62 7.01 9.33 -21.50
C GLU A 62 7.26 10.71 -20.83
N ALA A 63 6.65 11.81 -21.32
CA ALA A 63 6.85 13.16 -20.70
C ALA A 63 6.25 13.15 -19.29
N GLU A 64 5.21 12.33 -19.10
CA GLU A 64 4.55 12.27 -17.77
C GLU A 64 5.33 11.37 -16.81
N LEU A 65 6.01 10.34 -17.31
CA LEU A 65 6.92 9.54 -16.47
C LEU A 65 8.19 10.37 -16.22
N TRP A 66 8.58 11.25 -17.14
CA TRP A 66 9.68 12.22 -16.90
C TRP A 66 9.37 13.03 -15.66
N GLU A 67 8.21 13.65 -15.67
CA GLU A 67 7.77 14.46 -14.52
C GLU A 67 7.72 13.61 -13.25
N LEU A 68 7.34 12.35 -13.34
CA LEU A 68 7.31 11.44 -12.15
C LEU A 68 8.71 11.30 -11.57
N VAL A 69 9.72 11.10 -12.43
CA VAL A 69 11.12 11.04 -11.96
C VAL A 69 11.45 12.38 -11.25
N MET A 70 11.05 13.52 -11.81
CA MET A 70 11.34 14.84 -11.22
C MET A 70 10.63 14.95 -9.88
N ASP A 71 9.40 14.45 -9.78
CA ASP A 71 8.64 14.56 -8.51
C ASP A 71 9.29 13.65 -7.46
N ALA A 72 9.75 12.47 -7.81
CA ALA A 72 10.44 11.59 -6.84
C ALA A 72 11.76 12.24 -6.42
N TYR A 73 12.50 12.81 -7.37
CA TYR A 73 13.71 13.63 -7.13
C TYR A 73 13.40 14.63 -6.01
N GLN A 74 12.34 15.40 -6.15
CA GLN A 74 12.00 16.48 -5.17
C GLN A 74 11.55 15.89 -3.85
N HIS A 75 10.88 14.74 -3.87
CA HIS A 75 10.28 14.14 -2.65
C HIS A 75 11.33 13.46 -1.75
N THR A 76 12.28 12.76 -2.34
CA THR A 76 13.17 11.87 -1.57
C THR A 76 14.12 12.66 -0.68
N SER A 77 14.47 12.11 0.47
N SER A 77 14.46 12.09 0.47
CA SER A 77 15.56 12.62 1.35
CA SER A 77 15.51 12.60 1.39
C SER A 77 16.65 11.56 1.42
C SER A 77 16.75 11.72 1.25
N ASP A 78 16.67 10.63 0.46
CA ASP A 78 17.75 9.64 0.32
C ASP A 78 18.72 10.26 -0.66
N PRO A 79 19.91 10.77 -0.23
CA PRO A 79 20.75 11.53 -1.15
C PRO A 79 21.33 10.70 -2.29
N ALA A 80 21.52 9.39 -2.10
CA ALA A 80 22.03 8.47 -3.17
C ALA A 80 20.93 8.31 -4.21
N LEU A 81 19.70 8.01 -3.78
CA LEU A 81 18.56 7.94 -4.73
C LEU A 81 18.32 9.29 -5.40
N LYS A 82 18.46 10.39 -4.67
CA LYS A 82 18.22 11.75 -5.25
C LYS A 82 19.19 11.99 -6.39
N ALA A 83 20.45 11.67 -6.20
CA ALA A 83 21.49 11.87 -7.25
C ALA A 83 21.23 10.96 -8.47
N GLU A 84 20.77 9.72 -8.26
CA GLU A 84 20.50 8.78 -9.37
C GLU A 84 19.27 9.27 -10.16
N LEU A 85 18.23 9.74 -9.48
CA LEU A 85 17.05 10.31 -10.18
C LEU A 85 17.46 11.58 -10.93
N LYS A 86 18.35 12.39 -10.40
CA LYS A 86 18.78 13.64 -11.08
C LYS A 86 19.41 13.30 -12.41
N THR A 87 20.24 12.27 -12.48
CA THR A 87 20.86 11.76 -13.72
C THR A 87 19.75 11.31 -14.66
N GLN A 88 18.78 10.59 -14.13
CA GLN A 88 17.69 9.99 -14.93
C GLN A 88 16.89 11.10 -15.57
N ILE A 89 16.82 12.29 -14.97
CA ILE A 89 16.13 13.43 -15.63
C ILE A 89 16.80 13.67 -16.99
N ASP A 90 18.13 13.78 -17.07
CA ASP A 90 18.82 13.98 -18.37
C ASP A 90 18.64 12.74 -19.25
N ASP A 91 18.68 11.53 -18.69
CA ASP A 91 18.58 10.31 -19.54
C ASP A 91 17.20 10.21 -20.22
N VAL A 92 16.12 10.58 -19.55
CA VAL A 92 14.77 10.44 -20.17
C VAL A 92 14.70 11.36 -21.40
N TYR A 93 15.24 12.56 -21.30
CA TYR A 93 15.25 13.48 -22.46
C TYR A 93 16.10 12.85 -23.55
N ASP A 94 17.31 12.40 -23.21
CA ASP A 94 18.29 11.93 -24.21
C ASP A 94 17.67 10.75 -24.93
N GLY A 95 17.03 9.80 -24.23
CA GLY A 95 16.46 8.60 -24.88
C GLY A 95 15.35 8.96 -25.85
N THR A 96 14.54 9.92 -25.46
CA THR A 96 13.44 10.40 -26.34
C THR A 96 13.96 11.17 -27.58
N VAL A 97 14.91 12.07 -27.42
CA VAL A 97 15.55 12.79 -28.56
C VAL A 97 16.28 11.79 -29.45
N ALA A 98 16.92 10.75 -28.93
CA ALA A 98 17.57 9.72 -29.78
C ALA A 98 16.55 9.06 -30.71
N LYS A 99 15.35 8.77 -30.22
CA LYS A 99 14.35 7.96 -30.96
C LYS A 99 13.61 8.88 -31.93
N TYR A 100 13.38 10.15 -31.56
CA TYR A 100 12.36 11.01 -32.23
C TYR A 100 12.95 12.33 -32.75
N GLY A 101 14.18 12.73 -32.41
CA GLY A 101 14.69 14.08 -32.75
C GLY A 101 14.31 15.12 -31.70
N GLN A 102 14.87 16.33 -31.85
CA GLN A 102 14.72 17.44 -30.86
C GLN A 102 13.50 18.28 -31.20
N ASP A 103 13.10 18.27 -32.46
CA ASP A 103 12.07 19.14 -33.06
C ASP A 103 10.77 18.32 -33.22
N TRP A 104 9.85 18.58 -32.29
CA TRP A 104 8.60 17.83 -32.16
C TRP A 104 7.48 18.63 -32.84
N THR A 105 7.78 19.77 -33.47
CA THR A 105 6.74 20.68 -34.01
C THR A 105 6.02 20.06 -35.25
N ASN A 106 6.51 18.98 -35.88
CA ASN A 106 5.78 18.21 -36.94
C ASN A 106 4.72 17.22 -36.39
N ASN A 107 4.75 16.85 -35.10
CA ASN A 107 3.73 15.97 -34.48
C ASN A 107 2.38 16.67 -34.64
N PRO A 108 1.30 16.00 -35.09
CA PRO A 108 0.06 16.72 -35.41
C PRO A 108 -0.74 17.07 -34.13
N PHE A 109 -0.38 16.48 -33.01
CA PHE A 109 -1.09 16.68 -31.73
C PHE A 109 -0.43 17.83 -30.97
N ASN A 110 -1.11 18.95 -30.85
CA ASN A 110 -0.60 20.08 -30.05
C ASN A 110 -0.34 19.61 -28.62
N ASP A 111 -1.13 18.69 -28.13
CA ASP A 111 -0.92 18.20 -26.74
C ASP A 111 0.37 17.36 -26.66
N ASN A 112 0.76 16.62 -27.70
CA ASN A 112 2.04 15.86 -27.60
C ASN A 112 3.16 16.87 -27.38
N ILE A 113 3.15 17.92 -28.18
CA ILE A 113 4.22 18.96 -28.11
C ILE A 113 4.18 19.59 -26.71
N MET A 114 3.03 19.95 -26.22
CA MET A 114 2.96 20.77 -24.98
C MET A 114 3.32 19.92 -23.75
N TRP A 115 2.97 18.63 -23.70
CA TRP A 115 3.41 17.80 -22.55
C TRP A 115 4.92 17.86 -22.42
N TRP A 116 5.63 17.78 -23.55
CA TRP A 116 7.10 17.81 -23.54
C TRP A 116 7.64 19.23 -23.29
N ALA A 117 6.95 20.28 -23.76
CA ALA A 117 7.37 21.67 -23.46
C ALA A 117 7.28 21.83 -21.93
N MET A 118 6.19 21.40 -21.29
CA MET A 118 6.03 21.54 -19.83
C MET A 118 7.10 20.71 -19.09
N GLY A 119 7.33 19.48 -19.52
CA GLY A 119 8.38 18.69 -18.87
C GLY A 119 9.75 19.39 -18.99
N SER A 120 10.02 19.96 -20.16
CA SER A 120 11.31 20.61 -20.45
C SER A 120 11.48 21.80 -19.52
N ALA A 121 10.44 22.62 -19.32
CA ALA A 121 10.49 23.77 -18.39
C ALA A 121 10.87 23.29 -17.02
N ARG A 122 10.25 22.22 -16.55
CA ARG A 122 10.58 21.71 -15.20
C ARG A 122 12.01 21.19 -15.14
N ALA A 123 12.44 20.47 -16.16
CA ALA A 123 13.84 19.99 -16.22
C ALA A 123 14.82 21.18 -16.17
N TYR A 124 14.51 22.29 -16.78
CA TYR A 124 15.37 23.50 -16.67
C TYR A 124 15.40 23.98 -15.21
N GLN A 125 14.25 24.02 -14.55
CA GLN A 125 14.21 24.52 -13.15
C GLN A 125 15.19 23.69 -12.32
N ILE A 126 15.20 22.36 -12.53
CA ILE A 126 16.00 21.43 -11.67
C ILE A 126 17.49 21.51 -12.04
N THR A 127 17.78 21.44 -13.33
CA THR A 127 19.16 21.25 -13.85
C THR A 127 19.86 22.58 -14.22
N GLY A 128 19.13 23.58 -14.67
CA GLY A 128 19.68 24.85 -15.21
C GLY A 128 20.31 24.64 -16.59
N ASN A 129 20.07 23.48 -17.22
CA ASN A 129 20.67 23.18 -18.53
C ASN A 129 19.94 24.00 -19.58
N PRO A 130 20.60 25.01 -20.22
CA PRO A 130 19.94 25.84 -21.20
C PRO A 130 19.20 25.05 -22.28
N ARG A 131 19.63 23.85 -22.64
CA ARG A 131 18.94 23.10 -23.74
C ARG A 131 17.46 22.91 -23.36
N TYR A 132 17.14 22.73 -22.07
CA TYR A 132 15.75 22.49 -21.63
C TYR A 132 14.94 23.79 -21.74
N LEU A 133 15.53 24.97 -21.42
CA LEU A 133 14.79 26.23 -21.60
C LEU A 133 14.52 26.40 -23.09
N GLU A 134 15.51 26.26 -23.96
CA GLU A 134 15.30 26.45 -25.42
C GLU A 134 14.22 25.46 -25.90
N ALA A 135 14.25 24.20 -25.48
CA ALA A 135 13.21 23.20 -25.88
C ALA A 135 11.83 23.66 -25.40
N ALA A 136 11.72 24.06 -24.14
CA ALA A 136 10.43 24.51 -23.57
C ALA A 136 9.90 25.70 -24.33
N ARG A 137 10.72 26.76 -24.46
CA ARG A 137 10.27 28.00 -25.11
C ARG A 137 9.89 27.69 -26.56
N ASP A 138 10.79 27.04 -27.31
CA ASP A 138 10.56 26.88 -28.77
C ASP A 138 9.25 26.13 -28.99
N HIS A 139 9.02 25.09 -28.21
CA HIS A 139 7.83 24.22 -28.38
C HIS A 139 6.57 24.93 -27.87
N PHE A 140 6.63 25.59 -26.74
CA PHE A 140 5.50 26.41 -26.26
C PHE A 140 5.17 27.47 -27.31
N ASP A 141 6.18 28.22 -27.75
CA ASP A 141 5.90 29.35 -28.65
C ASP A 141 5.28 28.82 -29.95
N PHE A 142 5.72 27.68 -30.45
CA PHE A 142 5.18 27.16 -31.72
C PHE A 142 3.68 26.95 -31.55
N VAL A 143 3.31 26.26 -30.47
CA VAL A 143 1.89 25.95 -30.25
C VAL A 143 1.09 27.24 -29.98
N TYR A 144 1.49 28.04 -28.99
CA TYR A 144 0.67 29.21 -28.61
C TYR A 144 0.59 30.17 -29.78
N ASP A 145 1.72 30.44 -30.41
CA ASP A 145 1.75 31.50 -31.45
C ASP A 145 0.95 31.05 -32.67
N THR A 146 0.98 29.76 -33.05
CA THR A 146 0.35 29.32 -34.31
C THR A 146 -1.00 28.65 -34.11
N GLN A 147 -1.30 28.17 -32.91
CA GLN A 147 -2.48 27.28 -32.70
C GLN A 147 -3.48 27.93 -31.74
N TRP A 148 -3.13 29.03 -31.06
CA TRP A 148 -4.17 29.87 -30.41
C TRP A 148 -4.97 30.55 -31.51
N ASP A 149 -6.27 30.48 -31.39
CA ASP A 149 -7.15 31.00 -32.44
C ASP A 149 -8.31 31.76 -31.80
N GLU A 150 -8.72 32.89 -32.42
CA GLU A 150 -9.89 33.67 -31.96
C GLU A 150 -11.01 33.60 -32.98
N GLU A 151 -10.83 32.92 -34.12
CA GLU A 151 -11.89 32.77 -35.18
C GLU A 151 -13.03 31.95 -34.61
N PHE A 152 -12.70 30.89 -33.85
CA PHE A 152 -13.68 29.95 -33.29
C PHE A 152 -13.76 30.10 -31.77
N ALA A 153 -14.91 30.54 -31.29
CA ALA A 153 -15.19 30.60 -29.84
C ALA A 153 -14.35 31.63 -29.08
N ASN A 154 -13.84 32.64 -29.76
CA ASN A 154 -13.17 33.84 -29.21
C ASN A 154 -11.85 33.50 -28.55
N GLY A 155 -11.26 32.34 -28.80
CA GLY A 155 -9.98 31.98 -28.19
C GLY A 155 -9.82 30.49 -28.09
N GLY A 156 -8.71 30.09 -27.49
CA GLY A 156 -8.39 28.68 -27.21
C GLY A 156 -7.49 28.10 -28.29
N ILE A 157 -6.73 27.10 -27.87
CA ILE A 157 -5.76 26.34 -28.67
C ILE A 157 -6.46 25.15 -29.28
N TRP A 158 -6.24 24.98 -30.59
CA TRP A 158 -6.65 23.77 -31.31
C TRP A 158 -6.02 22.50 -30.78
N TRP A 159 -6.77 21.43 -30.85
CA TRP A 159 -6.28 20.10 -30.46
C TRP A 159 -5.10 19.68 -31.35
N LEU A 160 -5.32 19.75 -32.65
CA LEU A 160 -4.34 19.30 -33.67
C LEU A 160 -3.81 20.52 -34.44
N ASN A 161 -2.61 20.40 -35.01
CA ASN A 161 -2.10 21.42 -35.94
C ASN A 161 -2.32 20.94 -37.40
N SER A 162 -2.83 19.72 -37.59
CA SER A 162 -3.10 19.11 -38.93
C SER A 162 -4.49 19.44 -39.44
N ASP A 163 -5.43 19.63 -38.53
CA ASP A 163 -6.88 19.86 -38.79
C ASP A 163 -7.45 20.65 -37.61
N HIS A 164 -8.39 21.57 -37.87
CA HIS A 164 -8.84 22.55 -36.87
C HIS A 164 -10.34 22.40 -36.67
N ASN A 165 -10.78 21.44 -35.84
CA ASN A 165 -12.22 21.10 -35.64
C ASN A 165 -12.60 21.13 -34.15
N THR A 166 -11.61 21.06 -33.24
CA THR A 166 -11.94 20.98 -31.81
C THR A 166 -10.84 21.64 -30.98
N LYS A 167 -11.23 22.12 -29.82
CA LYS A 167 -10.31 22.77 -28.85
C LYS A 167 -10.49 22.02 -27.54
N ASN A 168 -9.40 21.53 -26.95
CA ASN A 168 -9.56 20.46 -25.93
C ASN A 168 -8.91 20.88 -24.61
N ALA A 169 -9.43 20.39 -23.49
CA ALA A 169 -8.85 20.67 -22.15
C ALA A 169 -7.44 20.12 -22.07
N CYS A 170 -7.15 19.02 -22.76
CA CYS A 170 -5.86 18.32 -22.62
C CYS A 170 -4.77 19.04 -23.39
N ILE A 171 -5.07 20.07 -24.19
CA ILE A 171 -4.02 21.00 -24.68
C ILE A 171 -4.10 22.34 -23.94
N ASN A 172 -5.31 22.86 -23.74
CA ASN A 172 -5.43 24.21 -23.17
C ASN A 172 -4.90 24.30 -21.73
N PHE A 173 -5.31 23.45 -20.79
CA PHE A 173 -4.82 23.64 -19.40
C PHE A 173 -3.32 23.31 -19.30
N PRO A 174 -2.80 22.25 -19.94
CA PRO A 174 -1.35 22.00 -19.93
C PRO A 174 -0.60 23.21 -20.52
N ALA A 175 -1.15 23.88 -21.52
CA ALA A 175 -0.48 25.06 -22.12
C ALA A 175 -0.38 26.16 -21.06
N ALA A 176 -1.48 26.37 -20.33
CA ALA A 176 -1.45 27.37 -19.24
C ALA A 176 -0.33 27.01 -18.27
N GLN A 177 -0.24 25.74 -17.84
CA GLN A 177 0.77 25.27 -16.90
C GLN A 177 2.16 25.55 -17.46
N ALA A 178 2.38 25.16 -18.68
CA ALA A 178 3.68 25.37 -19.37
C ALA A 178 4.03 26.89 -19.34
N ALA A 179 3.08 27.73 -19.72
CA ALA A 179 3.28 29.21 -19.68
C ALA A 179 3.66 29.67 -18.28
N LEU A 180 3.01 29.13 -17.23
CA LEU A 180 3.31 29.52 -15.84
C LEU A 180 4.74 29.08 -15.47
N TYR A 181 5.19 27.90 -15.85
CA TYR A 181 6.59 27.51 -15.63
C TYR A 181 7.49 28.54 -16.35
N LEU A 182 7.19 28.84 -17.60
CA LEU A 182 8.08 29.71 -18.39
C LEU A 182 8.09 31.11 -17.77
N TYR A 183 6.96 31.56 -17.24
CA TYR A 183 6.91 32.85 -16.49
C TYR A 183 7.78 32.78 -15.25
N ASP A 184 7.67 31.71 -14.45
CA ASP A 184 8.47 31.55 -13.23
C ASP A 184 9.96 31.63 -13.62
N ILE A 185 10.35 30.97 -14.68
CA ILE A 185 11.80 30.83 -15.10
C ILE A 185 12.28 32.20 -15.55
N THR A 186 11.51 32.88 -16.42
CA THR A 186 11.99 34.01 -17.24
C THR A 186 11.60 35.37 -16.64
N LYS A 187 10.55 35.40 -15.83
CA LYS A 187 9.79 36.59 -15.38
C LYS A 187 9.33 37.41 -16.60
N ASP A 188 9.23 36.80 -17.79
CA ASP A 188 8.72 37.52 -18.96
C ASP A 188 7.21 37.54 -18.87
N GLU A 189 6.62 38.71 -18.68
CA GLU A 189 5.15 38.86 -18.45
C GLU A 189 4.36 38.29 -19.64
N HIS A 190 4.93 38.21 -20.81
CA HIS A 190 4.25 37.58 -21.97
C HIS A 190 3.69 36.21 -21.55
N TYR A 191 4.46 35.43 -20.80
CA TYR A 191 4.06 34.07 -20.42
C TYR A 191 2.93 34.14 -19.39
N LEU A 192 2.98 35.05 -18.42
CA LEU A 192 1.83 35.19 -17.49
C LEU A 192 0.57 35.63 -18.25
N ASN A 193 0.72 36.52 -19.20
CA ASN A 193 -0.43 36.98 -20.03
C ASN A 193 -1.01 35.77 -20.82
N ALA A 194 -0.16 34.97 -21.43
CA ALA A 194 -0.58 33.74 -22.14
C ALA A 194 -1.32 32.83 -21.15
N ALA A 195 -0.72 32.53 -20.00
CA ALA A 195 -1.35 31.58 -19.03
C ALA A 195 -2.72 32.14 -18.68
N THR A 196 -2.81 33.43 -18.39
CA THR A 196 -4.08 34.06 -17.94
C THR A 196 -5.13 34.02 -19.05
N LYS A 197 -4.75 34.30 -20.29
CA LYS A 197 -5.69 34.33 -21.45
C LYS A 197 -6.20 32.90 -21.70
N ILE A 198 -5.31 31.92 -21.62
CA ILE A 198 -5.65 30.50 -21.90
C ILE A 198 -6.60 30.02 -20.82
N PHE A 199 -6.23 30.27 -19.54
CA PHE A 199 -7.02 29.77 -18.40
C PHE A 199 -8.40 30.45 -18.41
N ARG A 200 -8.44 31.76 -18.62
CA ARG A 200 -9.75 32.47 -18.58
C ARG A 200 -10.67 31.89 -19.65
N TRP A 201 -10.14 31.70 -20.85
CA TRP A 201 -10.91 31.16 -21.98
C TRP A 201 -11.39 29.76 -21.60
N GLY A 202 -10.47 28.97 -21.08
CA GLY A 202 -10.79 27.58 -20.75
C GLY A 202 -11.83 27.47 -19.67
N LYS A 203 -11.75 28.28 -18.60
CA LYS A 203 -12.78 28.23 -17.55
C LYS A 203 -14.15 28.58 -18.15
N THR A 204 -14.19 29.55 -19.06
CA THR A 204 -15.46 29.96 -19.67
C THR A 204 -16.03 28.89 -20.59
N MET A 205 -15.20 28.35 -21.49
CA MET A 205 -15.70 27.51 -22.58
C MET A 205 -15.58 26.02 -22.28
N LEU A 206 -14.65 25.59 -21.42
CA LEU A 206 -14.38 24.15 -21.16
C LEU A 206 -14.65 23.82 -19.70
N THR A 207 -15.43 24.61 -18.98
CA THR A 207 -15.93 24.15 -17.66
C THR A 207 -17.39 24.57 -17.45
N ASP A 208 -18.04 24.00 -16.43
CA ASP A 208 -19.40 24.45 -16.07
C ASP A 208 -19.36 25.68 -15.15
N GLY A 209 -18.20 26.32 -14.94
CA GLY A 209 -18.08 27.49 -14.05
C GLY A 209 -17.99 27.11 -12.59
N ASN A 210 -18.11 25.82 -12.28
CA ASN A 210 -18.23 25.32 -10.89
C ASN A 210 -17.30 24.14 -10.68
N GLY A 211 -16.24 24.05 -11.48
CA GLY A 211 -15.20 23.06 -11.19
C GLY A 211 -15.25 21.80 -12.05
N LYS A 212 -16.29 21.58 -12.85
CA LYS A 212 -16.32 20.41 -13.74
C LYS A 212 -15.67 20.77 -15.07
N VAL A 213 -14.57 20.08 -15.42
CA VAL A 213 -13.78 20.40 -16.64
C VAL A 213 -14.27 19.50 -17.80
N PHE A 214 -14.77 20.15 -18.85
CA PHE A 214 -15.23 19.47 -20.09
C PHE A 214 -14.04 18.97 -20.91
N ASP A 215 -14.22 17.86 -21.60
CA ASP A 215 -13.15 17.29 -22.44
C ASP A 215 -12.77 18.27 -23.51
N ARG A 216 -13.74 18.86 -24.23
CA ARG A 216 -13.45 19.62 -25.46
C ARG A 216 -14.69 20.41 -25.88
N ILE A 217 -14.47 21.25 -26.86
CA ILE A 217 -15.54 21.98 -27.61
C ILE A 217 -15.24 21.84 -29.10
N GLU A 218 -16.22 21.29 -29.84
CA GLU A 218 -16.13 20.98 -31.28
C GLU A 218 -16.89 22.04 -32.09
N ILE A 219 -16.37 22.38 -33.27
CA ILE A 219 -17.03 23.38 -34.15
C ILE A 219 -18.48 22.96 -34.40
N GLU A 220 -18.73 21.71 -34.75
CA GLU A 220 -20.09 21.34 -35.24
C GLU A 220 -21.00 21.05 -34.03
N HIS A 221 -20.51 20.22 -33.09
N HIS A 221 -20.54 20.25 -33.07
CA HIS A 221 -21.24 19.52 -32.00
CA HIS A 221 -21.43 19.60 -32.08
C HIS A 221 -21.40 20.41 -30.78
C HIS A 221 -21.25 20.24 -30.70
N GLY A 222 -20.44 21.31 -30.57
CA GLY A 222 -20.36 22.08 -29.32
C GLY A 222 -19.59 21.36 -28.23
N ALA A 223 -19.95 21.65 -26.97
CA ALA A 223 -19.21 21.16 -25.80
C ALA A 223 -19.48 19.68 -25.58
N VAL A 224 -18.42 18.96 -25.21
CA VAL A 224 -18.49 17.55 -24.76
C VAL A 224 -18.13 17.48 -23.26
N PRO A 225 -19.13 17.36 -22.36
CA PRO A 225 -18.93 17.57 -20.93
C PRO A 225 -18.50 16.31 -20.17
N ASP A 226 -17.66 15.52 -20.80
CA ASP A 226 -17.07 14.29 -20.24
C ASP A 226 -15.88 14.69 -19.38
N ALA A 227 -15.95 14.45 -18.08
CA ALA A 227 -14.86 14.79 -17.15
C ALA A 227 -13.94 13.62 -16.91
N THR A 228 -12.68 13.91 -16.70
CA THR A 228 -11.66 12.88 -16.44
C THR A 228 -10.66 13.37 -15.42
N HIS A 229 -9.94 12.43 -14.82
CA HIS A 229 -8.91 12.77 -13.85
C HIS A 229 -7.87 13.75 -14.41
N TYR A 230 -7.32 13.50 -15.61
CA TYR A 230 -6.18 14.32 -16.05
C TYR A 230 -6.61 15.74 -16.39
N ASN A 231 -7.82 15.94 -16.86
CA ASN A 231 -8.32 17.31 -17.18
C ASN A 231 -8.72 18.05 -15.90
N GLN A 232 -9.28 17.37 -14.90
CA GLN A 232 -9.41 18.03 -13.58
C GLN A 232 -8.03 18.45 -13.08
N GLY A 233 -7.05 17.58 -13.28
CA GLY A 233 -5.71 17.76 -12.74
C GLY A 233 -5.04 19.00 -13.31
N THR A 234 -4.99 19.14 -14.64
CA THR A 234 -4.28 20.28 -15.28
C THR A 234 -5.04 21.58 -15.05
N TYR A 235 -6.37 21.54 -14.99
CA TYR A 235 -7.15 22.72 -14.57
C TYR A 235 -6.69 23.16 -13.17
N ILE A 236 -6.66 22.22 -12.23
CA ILE A 236 -6.33 22.53 -10.82
C ILE A 236 -4.91 23.11 -10.83
N GLY A 237 -3.98 22.46 -11.52
CA GLY A 237 -2.59 22.91 -11.48
C GLY A 237 -2.40 24.29 -12.10
N SER A 238 -3.11 24.58 -13.18
CA SER A 238 -3.01 25.92 -13.83
C SER A 238 -3.63 26.96 -12.86
N ALA A 239 -4.74 26.62 -12.20
CA ALA A 239 -5.40 27.55 -11.24
C ALA A 239 -4.46 27.83 -10.08
N VAL A 240 -3.85 26.79 -9.49
CA VAL A 240 -2.94 27.02 -8.34
C VAL A 240 -1.75 27.86 -8.82
N GLY A 241 -1.22 27.55 -10.00
CA GLY A 241 -0.10 28.34 -10.55
C GLY A 241 -0.43 29.80 -10.78
N LEU A 242 -1.64 30.07 -11.24
CA LEU A 242 -2.08 31.44 -11.41
C LEU A 242 -2.22 32.13 -10.07
N TYR A 243 -2.73 31.43 -9.07
CA TYR A 243 -2.78 31.99 -7.70
C TYR A 243 -1.36 32.36 -7.28
N LYS A 244 -0.40 31.47 -7.46
CA LYS A 244 1.00 31.72 -6.98
C LYS A 244 1.58 32.92 -7.75
N ALA A 245 1.33 33.04 -9.05
CA ALA A 245 1.88 34.13 -9.89
C ALA A 245 1.21 35.49 -9.61
N THR A 246 -0.06 35.51 -9.22
CA THR A 246 -0.85 36.78 -9.11
C THR A 246 -1.23 37.17 -7.67
N GLY A 247 -1.32 36.18 -6.79
CA GLY A 247 -1.92 36.29 -5.44
C GLY A 247 -3.43 36.49 -5.46
N ASN A 248 -4.10 36.29 -6.58
CA ASN A 248 -5.57 36.48 -6.71
C ASN A 248 -6.26 35.22 -6.20
N ALA A 249 -6.86 35.31 -5.04
CA ALA A 249 -7.56 34.21 -4.37
C ALA A 249 -8.59 33.54 -5.29
N VAL A 250 -9.16 34.26 -6.25
CA VAL A 250 -10.20 33.67 -7.14
C VAL A 250 -9.64 32.42 -7.83
N TYR A 251 -8.35 32.36 -8.10
CA TYR A 251 -7.74 31.19 -8.78
C TYR A 251 -7.67 29.99 -7.80
N LEU A 252 -7.45 30.23 -6.51
CA LEU A 252 -7.45 29.14 -5.53
C LEU A 252 -8.90 28.69 -5.33
N ASP A 253 -9.88 29.61 -5.36
CA ASP A 253 -11.31 29.23 -5.32
C ASP A 253 -11.57 28.26 -6.48
N ASP A 254 -11.10 28.62 -7.65
CA ASP A 254 -11.31 27.81 -8.90
C ASP A 254 -10.73 26.41 -8.69
N ALA A 255 -9.53 26.33 -8.14
CA ALA A 255 -8.85 25.04 -7.90
C ALA A 255 -9.65 24.21 -6.89
N VAL A 256 -10.07 24.86 -5.79
CA VAL A 256 -10.86 24.16 -4.75
C VAL A 256 -12.15 23.60 -5.36
N LYS A 257 -12.87 24.39 -6.13
CA LYS A 257 -14.13 23.88 -6.71
C LYS A 257 -13.85 22.68 -7.62
N ALA A 258 -12.77 22.69 -8.37
CA ALA A 258 -12.43 21.55 -9.28
C ALA A 258 -11.99 20.32 -8.45
N ALA A 259 -11.33 20.53 -7.33
CA ALA A 259 -10.92 19.42 -6.43
C ALA A 259 -12.17 18.83 -5.80
N LYS A 260 -13.13 19.69 -5.39
CA LYS A 260 -14.36 19.19 -4.76
C LYS A 260 -15.14 18.40 -5.78
N PHE A 261 -15.22 18.86 -7.02
CA PHE A 261 -15.91 18.07 -8.06
C PHE A 261 -15.27 16.67 -8.16
N THR A 262 -13.95 16.65 -8.23
CA THR A 262 -13.17 15.40 -8.43
C THR A 262 -13.44 14.40 -7.29
N LYS A 263 -13.34 14.83 -6.02
CA LYS A 263 -13.42 13.98 -4.83
C LYS A 263 -14.83 13.45 -4.66
N ASN A 264 -15.84 14.13 -5.22
CA ASN A 264 -17.24 13.69 -5.02
C ASN A 264 -17.80 12.97 -6.24
N HIS A 265 -17.17 13.06 -7.40
CA HIS A 265 -17.72 12.46 -8.64
C HIS A 265 -16.80 11.43 -9.29
N LEU A 266 -15.49 11.67 -9.35
CA LEU A 266 -14.57 10.75 -10.07
C LEU A 266 -13.95 9.72 -9.11
N VAL A 267 -14.80 9.14 -8.25
CA VAL A 267 -14.44 8.19 -7.17
C VAL A 267 -15.52 7.11 -7.13
N ASP A 268 -15.15 6.01 -6.54
CA ASP A 268 -16.11 4.94 -6.18
C ASP A 268 -16.87 5.35 -4.90
N SER A 269 -17.83 4.52 -4.46
CA SER A 269 -18.68 4.83 -3.28
C SER A 269 -17.88 4.84 -1.99
N ASN A 270 -16.67 4.28 -1.98
CA ASN A 270 -15.81 4.35 -0.77
C ASN A 270 -14.84 5.53 -0.83
N GLY A 271 -14.89 6.35 -1.88
CA GLY A 271 -14.07 7.58 -1.99
C GLY A 271 -12.75 7.34 -2.69
N VAL A 272 -12.52 6.14 -3.22
CA VAL A 272 -11.22 5.89 -3.92
C VAL A 272 -11.37 6.40 -5.34
N LEU A 273 -10.38 7.14 -5.81
CA LEU A 273 -10.39 7.57 -7.20
C LEU A 273 -10.67 6.37 -8.13
N ASN A 274 -11.49 6.62 -9.16
CA ASN A 274 -11.97 5.79 -10.28
C ASN A 274 -10.83 5.14 -11.07
N TYR A 275 -11.11 4.00 -11.69
CA TYR A 275 -10.25 3.41 -12.74
C TYR A 275 -10.89 3.73 -14.10
N GLU A 276 -10.15 4.40 -14.97
CA GLU A 276 -10.66 4.98 -16.23
C GLU A 276 -10.28 4.13 -17.45
N GLY A 277 -9.68 2.98 -17.30
CA GLY A 277 -9.56 2.15 -18.52
C GLY A 277 -10.94 1.84 -19.16
N PRO A 278 -10.98 1.21 -20.36
CA PRO A 278 -9.78 0.66 -20.96
C PRO A 278 -8.92 1.63 -21.79
N ASN A 279 -9.46 2.81 -22.10
CA ASN A 279 -8.71 3.81 -22.90
C ASN A 279 -7.27 3.91 -22.37
N GLY A 280 -6.30 3.75 -23.27
CA GLY A 280 -4.89 3.68 -22.88
C GLY A 280 -4.39 5.03 -22.41
N ASP A 281 -4.88 6.12 -22.96
CA ASP A 281 -4.48 7.49 -22.50
C ASP A 281 -5.06 7.77 -21.10
N LEU A 282 -6.32 7.36 -20.83
CA LEU A 282 -6.98 7.65 -19.54
C LEU A 282 -6.56 6.72 -18.40
N LYS A 283 -6.13 5.49 -18.68
CA LYS A 283 -5.88 4.47 -17.61
C LYS A 283 -4.88 4.99 -16.56
N GLY A 284 -3.90 5.80 -16.98
CA GLY A 284 -2.93 6.31 -16.00
C GLY A 284 -3.17 7.74 -15.58
N GLY A 285 -4.33 8.33 -15.94
CA GLY A 285 -4.52 9.76 -15.70
C GLY A 285 -4.51 10.12 -14.22
N LYS A 286 -4.75 9.17 -13.29
CA LYS A 286 -4.57 9.46 -11.85
C LYS A 286 -3.17 9.99 -11.59
N THR A 287 -2.17 9.64 -12.41
CA THR A 287 -0.80 10.17 -12.27
C THR A 287 -0.79 11.70 -12.35
N ILE A 288 -1.42 12.24 -13.39
CA ILE A 288 -1.46 13.71 -13.63
C ILE A 288 -2.35 14.34 -12.54
N LEU A 289 -3.48 13.70 -12.21
CA LEU A 289 -4.35 14.25 -11.15
C LEU A 289 -3.63 14.34 -9.80
N MET A 290 -3.02 13.24 -9.37
CA MET A 290 -2.34 13.27 -8.05
C MET A 290 -1.24 14.36 -8.04
N ARG A 291 -0.48 14.50 -9.12
CA ARG A 291 0.62 15.48 -9.20
C ARG A 291 0.05 16.86 -8.85
N ASN A 292 -1.11 17.19 -9.46
CA ASN A 292 -1.71 18.55 -9.34
C ASN A 292 -2.41 18.69 -7.98
N LEU A 293 -3.07 17.64 -7.52
CA LEU A 293 -3.72 17.68 -6.19
C LEU A 293 -2.65 17.95 -5.13
N ALA A 294 -1.45 17.44 -5.27
CA ALA A 294 -0.37 17.72 -4.32
C ALA A 294 -0.01 19.23 -4.34
N HIS A 295 -0.04 19.90 -5.48
CA HIS A 295 0.22 21.37 -5.57
C HIS A 295 -0.87 22.08 -4.73
N LEU A 296 -2.14 21.70 -4.91
CA LEU A 296 -3.26 22.33 -4.18
C LEU A 296 -3.10 22.05 -2.70
N GLN A 297 -2.73 20.83 -2.33
CA GLN A 297 -2.60 20.47 -0.90
C GLN A 297 -1.51 21.35 -0.25
N LYS A 298 -0.36 21.49 -0.94
CA LYS A 298 0.77 22.27 -0.37
C LYS A 298 0.32 23.72 -0.21
N THR A 299 -0.36 24.27 -1.19
CA THR A 299 -0.74 25.71 -1.23
C THR A 299 -1.78 25.99 -0.14
N LEU A 300 -2.79 25.15 0.02
CA LEU A 300 -3.79 25.30 1.12
C LEU A 300 -3.07 25.19 2.48
N ASP A 301 -2.19 24.21 2.63
CA ASP A 301 -1.48 24.01 3.91
C ASP A 301 -0.66 25.29 4.20
N GLU A 302 0.04 25.86 3.22
CA GLU A 302 0.97 27.02 3.43
C GLU A 302 0.21 28.35 3.63
N THR A 303 -0.98 28.55 3.02
CA THR A 303 -1.67 29.85 2.97
C THR A 303 -2.77 29.93 4.05
N GLY A 304 -3.27 28.80 4.53
CA GLY A 304 -4.47 28.74 5.41
C GLY A 304 -5.76 29.06 4.67
N GLN A 305 -5.75 29.09 3.33
CA GLN A 305 -6.98 29.33 2.55
C GLN A 305 -7.85 28.07 2.76
N TYR A 306 -9.16 28.22 2.74
CA TYR A 306 -10.17 27.12 2.75
C TYR A 306 -9.79 26.05 3.80
N PRO A 307 -9.67 26.40 5.10
CA PRO A 307 -9.14 25.48 6.11
C PRO A 307 -10.04 24.25 6.38
N GLU A 308 -11.36 24.40 6.27
CA GLU A 308 -12.25 23.23 6.51
C GLU A 308 -12.00 22.21 5.40
N PHE A 309 -12.00 22.72 4.16
CA PHE A 309 -11.81 21.89 2.96
C PHE A 309 -10.41 21.29 3.04
N SER A 310 -9.39 22.11 3.32
CA SER A 310 -8.00 21.61 3.46
C SER A 310 -7.92 20.35 4.36
N ALA A 311 -8.50 20.36 5.57
CA ALA A 311 -8.36 19.23 6.51
C ALA A 311 -9.02 17.99 5.90
N GLU A 312 -10.23 18.13 5.31
CA GLU A 312 -10.97 17.02 4.66
C GLU A 312 -10.22 16.51 3.41
N PHE A 313 -9.69 17.44 2.64
CA PHE A 313 -8.92 17.10 1.41
C PHE A 313 -7.72 16.25 1.83
N ASP A 314 -7.01 16.68 2.86
CA ASP A 314 -5.79 15.98 3.35
C ASP A 314 -6.14 14.55 3.78
N GLU A 315 -7.22 14.37 4.54
CA GLU A 315 -7.74 13.05 4.97
C GLU A 315 -8.07 12.21 3.72
N TRP A 316 -8.77 12.79 2.75
CA TRP A 316 -9.17 12.03 1.52
C TRP A 316 -7.92 11.63 0.72
N LEU A 317 -6.95 12.53 0.55
CA LEU A 317 -5.69 12.18 -0.16
C LEU A 317 -4.98 11.04 0.59
N ALA A 318 -4.84 11.16 1.91
CA ALA A 318 -4.13 10.12 2.67
C ALA A 318 -4.82 8.76 2.53
N PHE A 319 -6.16 8.73 2.53
CA PHE A 319 -6.95 7.51 2.32
C PHE A 319 -6.62 6.90 0.96
N ASN A 320 -6.63 7.73 -0.06
CA ASN A 320 -6.32 7.28 -1.45
C ASN A 320 -4.89 6.73 -1.48
N ILE A 321 -3.92 7.44 -0.92
CA ILE A 321 -2.48 7.06 -0.99
C ILE A 321 -2.33 5.72 -0.27
N GLU A 322 -3.02 5.55 0.85
CA GLU A 322 -2.97 4.26 1.59
C GLU A 322 -3.67 3.14 0.81
N MET A 323 -4.75 3.43 0.11
N MET A 323 -4.81 3.45 0.20
CA MET A 323 -5.43 2.42 -0.75
CA MET A 323 -5.45 2.60 -0.84
C MET A 323 -4.50 2.05 -1.91
C MET A 323 -4.35 2.05 -1.74
N ALA A 324 -3.68 2.98 -2.41
CA ALA A 324 -2.69 2.67 -3.46
C ALA A 324 -1.57 1.83 -2.84
N TRP A 325 -0.97 2.32 -1.73
CA TRP A 325 0.13 1.63 -1.00
C TRP A 325 -0.27 0.16 -0.77
N SER A 326 -1.48 -0.06 -0.29
CA SER A 326 -1.95 -1.39 0.16
C SER A 326 -2.21 -2.33 -1.02
N HIS A 327 -2.26 -1.83 -2.26
CA HIS A 327 -2.61 -2.59 -3.49
C HIS A 327 -1.37 -3.14 -4.22
N GLN A 328 -0.19 -3.13 -3.59
CA GLN A 328 1.06 -3.54 -4.26
C GLN A 328 1.12 -5.06 -4.45
N ASN A 329 1.74 -5.50 -5.53
CA ASN A 329 2.15 -6.92 -5.70
C ASN A 329 3.45 -7.11 -4.91
N SER A 330 4.03 -8.32 -4.93
CA SER A 330 5.23 -8.65 -4.14
C SER A 330 6.47 -7.89 -4.63
N ASP A 331 6.45 -7.32 -5.85
CA ASP A 331 7.54 -6.49 -6.41
C ASP A 331 7.30 -4.99 -6.14
N HIS A 332 6.25 -4.65 -5.38
CA HIS A 332 5.94 -3.27 -4.94
C HIS A 332 5.48 -2.41 -6.10
N ILE A 333 4.84 -3.06 -7.04
CA ILE A 333 4.19 -2.36 -8.17
C ILE A 333 2.70 -2.37 -7.90
N VAL A 334 2.04 -1.25 -8.18
CA VAL A 334 0.59 -1.11 -7.95
C VAL A 334 -0.10 -0.92 -9.29
N ASP A 335 -1.00 -1.84 -9.69
CA ASP A 335 -1.82 -1.66 -10.92
C ASP A 335 -2.78 -0.49 -10.68
N GLY A 336 -3.22 0.17 -11.75
CA GLY A 336 -4.05 1.40 -11.65
C GLY A 336 -5.46 1.16 -11.14
N ASN A 337 -5.93 -0.08 -11.10
CA ASN A 337 -7.26 -0.39 -10.52
C ASN A 337 -7.12 -0.51 -8.99
N TRP A 338 -7.07 0.62 -8.28
CA TRP A 338 -6.62 0.69 -6.86
C TRP A 338 -7.62 -0.02 -5.97
N ALA A 339 -8.87 -0.02 -6.36
CA ALA A 339 -9.91 -0.85 -5.70
C ALA A 339 -10.06 -2.14 -6.53
N THR A 346 0.29 -9.10 -16.39
CA THR A 346 1.10 -8.06 -17.16
C THR A 346 0.77 -6.67 -16.60
N TYR A 347 1.76 -5.97 -16.09
CA TYR A 347 1.61 -4.60 -15.48
C TYR A 347 2.10 -3.59 -16.51
N GLU A 348 1.33 -2.50 -16.61
CA GLU A 348 1.59 -1.40 -17.55
C GLU A 348 2.23 -0.23 -16.80
N SER A 349 3.23 0.42 -17.40
CA SER A 349 3.95 1.52 -16.73
C SER A 349 3.03 2.73 -16.53
N TRP A 350 2.11 3.04 -17.44
CA TRP A 350 1.27 4.25 -17.25
C TRP A 350 0.29 4.02 -16.13
N SER A 351 -0.47 2.92 -16.18
CA SER A 351 -1.43 2.54 -15.11
C SER A 351 -0.71 2.47 -13.76
N SER A 352 0.48 1.89 -13.71
CA SER A 352 1.23 1.64 -12.45
C SER A 352 1.92 2.91 -11.92
N ALA A 353 2.08 3.94 -12.74
CA ALA A 353 2.74 5.18 -12.36
C ALA A 353 1.94 5.94 -11.31
N ALA A 354 0.62 5.82 -11.31
CA ALA A 354 -0.22 6.69 -10.44
C ALA A 354 0.12 6.47 -8.98
N ALA A 355 0.31 5.21 -8.56
CA ALA A 355 0.60 4.95 -7.14
C ALA A 355 1.95 5.57 -6.77
N VAL A 356 2.91 5.49 -7.68
CA VAL A 356 4.26 6.02 -7.44
C VAL A 356 4.13 7.52 -7.28
N GLN A 357 3.32 8.16 -8.11
CA GLN A 357 3.14 9.63 -8.04
C GLN A 357 2.51 9.97 -6.67
N ALA A 358 1.47 9.20 -6.30
CA ALA A 358 0.75 9.42 -5.01
C ALA A 358 1.68 9.38 -3.81
N LEU A 359 2.67 8.52 -3.86
CA LEU A 359 3.62 8.40 -2.75
C LEU A 359 4.77 9.43 -2.81
N ASN A 360 4.88 10.22 -3.87
CA ASN A 360 5.94 11.23 -4.11
C ASN A 360 5.30 12.61 -4.19
N GLY A 361 4.28 12.88 -3.34
CA GLY A 361 3.61 14.19 -3.26
C GLY A 361 4.57 15.35 -3.02
N SER B 26 -18.02 -13.58 -0.10
CA SER B 26 -17.23 -14.81 0.20
C SER B 26 -17.59 -15.32 1.60
N ASP B 27 -17.28 -16.59 1.92
CA ASP B 27 -17.43 -17.12 3.30
C ASP B 27 -16.61 -16.28 4.28
N GLY B 28 -15.39 -15.87 3.89
CA GLY B 28 -14.50 -15.08 4.77
C GLY B 28 -15.08 -13.71 5.07
N ASP B 29 -15.79 -13.10 4.10
CA ASP B 29 -16.40 -11.78 4.33
C ASP B 29 -17.50 -11.95 5.39
N THR B 30 -18.33 -12.97 5.21
CA THR B 30 -19.50 -13.17 6.08
C THR B 30 -19.03 -13.45 7.50
N ALA B 31 -18.02 -14.33 7.63
CA ALA B 31 -17.46 -14.75 8.94
C ALA B 31 -16.92 -13.53 9.67
N MET B 32 -16.18 -12.66 8.97
CA MET B 32 -15.58 -11.45 9.56
C MET B 32 -16.67 -10.47 9.95
N LYS B 33 -17.65 -10.20 9.08
CA LYS B 33 -18.76 -9.25 9.36
C LYS B 33 -19.54 -9.79 10.58
N ALA B 34 -19.78 -11.11 10.66
CA ALA B 34 -20.54 -11.71 11.78
C ALA B 34 -19.75 -11.59 13.09
N PHE B 35 -18.45 -11.88 12.98
CA PHE B 35 -17.56 -11.77 14.15
C PHE B 35 -17.61 -10.34 14.68
N ASN B 36 -17.54 -9.35 13.80
CA ASN B 36 -17.62 -7.92 14.18
C ASN B 36 -18.99 -7.64 14.82
N ASP B 37 -20.08 -8.11 14.21
CA ASP B 37 -21.44 -7.82 14.74
C ASP B 37 -21.55 -8.35 16.18
N THR B 38 -20.99 -9.53 16.43
CA THR B 38 -21.14 -10.26 17.72
C THR B 38 -20.16 -9.69 18.76
N PHE B 39 -18.94 -9.34 18.34
CA PHE B 39 -17.90 -9.06 19.36
C PHE B 39 -17.24 -7.68 19.29
N TRP B 40 -17.37 -6.94 18.21
CA TRP B 40 -16.68 -5.62 18.11
C TRP B 40 -17.46 -4.60 18.91
N ASP B 41 -16.77 -3.86 19.74
CA ASP B 41 -17.31 -2.69 20.47
C ASP B 41 -16.85 -1.42 19.79
N PRO B 42 -17.72 -0.71 19.04
CA PRO B 42 -17.30 0.47 18.27
C PRO B 42 -17.06 1.65 19.20
N ASN B 43 -17.55 1.55 20.44
CA ASN B 43 -17.33 2.60 21.46
C ASN B 43 -15.89 2.52 21.95
N ALA B 44 -15.51 1.44 22.59
CA ALA B 44 -14.15 1.29 23.15
C ALA B 44 -13.12 0.98 22.06
N LYS B 45 -13.54 0.66 20.84
CA LYS B 45 -12.61 0.24 19.74
C LYS B 45 -11.77 -0.96 20.22
N MET B 46 -12.45 -1.94 20.74
CA MET B 46 -11.84 -3.20 21.21
C MET B 46 -12.88 -4.28 21.00
N PHE B 47 -12.42 -5.52 20.85
CA PHE B 47 -13.32 -6.68 20.89
C PHE B 47 -13.74 -6.97 22.32
N TRP B 48 -14.98 -7.37 22.47
CA TRP B 48 -15.49 -8.02 23.70
C TRP B 48 -14.81 -9.38 23.91
N LYS B 49 -14.58 -9.78 25.16
CA LYS B 49 -14.00 -11.12 25.44
C LYS B 49 -15.02 -12.22 25.15
N ASP B 50 -16.31 -11.94 25.34
CA ASP B 50 -17.34 -12.95 25.04
C ASP B 50 -18.68 -12.28 24.75
N SER B 51 -19.71 -13.09 24.44
CA SER B 51 -20.99 -12.59 23.92
C SER B 51 -21.79 -11.93 25.04
N LYS B 52 -21.36 -12.02 26.32
CA LYS B 52 -22.03 -11.31 27.46
C LYS B 52 -21.66 -9.82 27.40
N ARG B 53 -20.62 -9.47 26.66
CA ARG B 53 -20.19 -8.06 26.49
C ARG B 53 -19.99 -7.40 27.87
N GLU B 54 -19.26 -8.08 28.76
CA GLU B 54 -18.94 -7.59 30.13
C GLU B 54 -17.53 -6.98 30.19
N LYS B 55 -16.53 -7.67 29.64
CA LYS B 55 -15.09 -7.32 29.70
C LYS B 55 -14.56 -7.35 28.27
N HIS B 56 -13.60 -6.50 27.95
CA HIS B 56 -12.93 -6.54 26.63
C HIS B 56 -11.81 -7.59 26.63
N GLN B 57 -11.43 -8.00 25.43
CA GLN B 57 -10.41 -9.03 25.22
C GLN B 57 -9.12 -8.69 25.96
N ASP B 58 -8.37 -9.72 26.31
CA ASP B 58 -7.01 -9.61 26.85
C ASP B 58 -6.09 -8.92 25.82
N PHE B 59 -5.09 -8.25 26.32
CA PHE B 59 -4.13 -7.45 25.52
C PHE B 59 -3.54 -8.29 24.40
N TRP B 60 -2.90 -9.42 24.72
CA TRP B 60 -2.19 -10.16 23.64
C TRP B 60 -3.17 -10.69 22.62
N VAL B 61 -4.29 -11.25 23.08
CA VAL B 61 -5.27 -11.82 22.14
C VAL B 61 -5.80 -10.68 21.23
N GLU B 62 -5.86 -9.45 21.76
CA GLU B 62 -6.32 -8.31 20.95
C GLU B 62 -5.37 -8.08 19.77
N ALA B 63 -4.09 -8.31 19.92
CA ALA B 63 -3.12 -8.21 18.77
C ALA B 63 -3.43 -9.30 17.75
N GLU B 64 -3.89 -10.46 18.21
CA GLU B 64 -4.20 -11.58 17.28
C GLU B 64 -5.49 -11.30 16.54
N LEU B 65 -6.46 -10.67 17.21
CA LEU B 65 -7.67 -10.22 16.50
C LEU B 65 -7.33 -9.06 15.56
N TRP B 66 -6.35 -8.24 15.87
CA TRP B 66 -5.87 -7.17 14.98
C TRP B 66 -5.35 -7.78 13.67
N GLU B 67 -4.51 -8.79 13.80
CA GLU B 67 -4.02 -9.57 12.64
C GLU B 67 -5.17 -10.24 11.89
N LEU B 68 -6.18 -10.75 12.57
CA LEU B 68 -7.36 -11.34 11.89
C LEU B 68 -8.05 -10.27 11.02
N VAL B 69 -8.21 -9.06 11.54
CA VAL B 69 -8.84 -7.97 10.74
C VAL B 69 -7.94 -7.69 9.52
N MET B 70 -6.63 -7.68 9.69
CA MET B 70 -5.73 -7.45 8.53
C MET B 70 -5.83 -8.60 7.53
N ASP B 71 -5.98 -9.84 8.00
CA ASP B 71 -6.06 -10.97 7.06
C ASP B 71 -7.37 -10.82 6.27
N ALA B 72 -8.47 -10.51 6.91
CA ALA B 72 -9.77 -10.31 6.20
C ALA B 72 -9.68 -9.13 5.23
N TYR B 73 -9.03 -8.06 5.60
CA TYR B 73 -8.72 -6.90 4.72
C TYR B 73 -7.99 -7.41 3.45
N GLN B 74 -7.06 -8.33 3.63
CA GLN B 74 -6.16 -8.77 2.53
C GLN B 74 -6.90 -9.78 1.66
N HIS B 75 -7.81 -10.53 2.24
CA HIS B 75 -8.53 -11.67 1.60
C HIS B 75 -9.72 -11.18 0.76
N THR B 76 -10.44 -10.15 1.23
CA THR B 76 -11.75 -9.75 0.68
C THR B 76 -11.55 -9.20 -0.73
N SER B 77 -12.53 -9.42 -1.60
CA SER B 77 -12.61 -8.75 -2.91
C SER B 77 -13.81 -7.80 -2.90
N ASP B 78 -14.43 -7.60 -1.72
CA ASP B 78 -15.57 -6.65 -1.56
C ASP B 78 -14.97 -5.30 -1.23
N PRO B 79 -14.98 -4.31 -2.15
CA PRO B 79 -14.22 -3.07 -1.94
C PRO B 79 -14.74 -2.28 -0.73
N ALA B 80 -16.03 -2.42 -0.42
CA ALA B 80 -16.71 -1.71 0.69
C ALA B 80 -16.29 -2.31 2.02
N LEU B 81 -16.30 -3.64 2.10
CA LEU B 81 -15.76 -4.30 3.33
C LEU B 81 -14.27 -3.96 3.48
N LYS B 82 -13.50 -3.94 2.39
CA LYS B 82 -12.05 -3.62 2.44
C LYS B 82 -11.89 -2.24 3.09
N ALA B 83 -12.71 -1.27 2.67
CA ALA B 83 -12.57 0.10 3.18
C ALA B 83 -12.94 0.12 4.67
N GLU B 84 -13.89 -0.74 5.07
CA GLU B 84 -14.41 -0.75 6.46
C GLU B 84 -13.29 -1.33 7.32
N LEU B 85 -12.66 -2.36 6.82
CA LEU B 85 -11.57 -3.02 7.58
C LEU B 85 -10.31 -2.12 7.61
N LYS B 86 -10.00 -1.42 6.53
CA LYS B 86 -8.97 -0.36 6.52
C LYS B 86 -9.08 0.50 7.80
N THR B 87 -10.26 1.05 8.07
CA THR B 87 -10.51 1.93 9.23
C THR B 87 -10.33 1.11 10.51
N GLN B 88 -10.88 -0.11 10.54
CA GLN B 88 -10.82 -0.93 11.77
C GLN B 88 -9.36 -1.27 12.13
N ILE B 89 -8.48 -1.35 11.16
CA ILE B 89 -7.06 -1.60 11.49
C ILE B 89 -6.57 -0.49 12.40
N ASP B 90 -6.80 0.76 12.04
CA ASP B 90 -6.38 1.90 12.90
C ASP B 90 -7.14 1.85 14.23
N ASP B 91 -8.44 1.52 14.19
CA ASP B 91 -9.26 1.58 15.41
C ASP B 91 -8.72 0.56 16.41
N VAL B 92 -8.39 -0.67 15.98
CA VAL B 92 -7.90 -1.70 16.95
C VAL B 92 -6.69 -1.15 17.70
N TYR B 93 -5.80 -0.50 17.01
CA TYR B 93 -4.59 0.05 17.65
C TYR B 93 -5.04 1.19 18.57
N ASP B 94 -5.88 2.10 18.07
CA ASP B 94 -6.26 3.28 18.87
C ASP B 94 -7.00 2.86 20.14
N GLY B 95 -7.89 1.88 20.06
CA GLY B 95 -8.62 1.45 21.27
C GLY B 95 -7.68 0.87 22.32
N THR B 96 -6.66 0.13 21.88
CA THR B 96 -5.65 -0.44 22.79
C THR B 96 -4.79 0.67 23.37
N VAL B 97 -4.29 1.62 22.57
CA VAL B 97 -3.48 2.76 23.06
C VAL B 97 -4.32 3.56 24.06
N ALA B 98 -5.61 3.76 23.80
CA ALA B 98 -6.47 4.53 24.72
C ALA B 98 -6.54 3.85 26.08
N LYS B 99 -6.65 2.53 26.14
CA LYS B 99 -6.80 1.79 27.42
C LYS B 99 -5.43 1.66 28.08
N TYR B 100 -4.37 1.38 27.32
CA TYR B 100 -3.10 0.86 27.87
C TYR B 100 -1.92 1.81 27.61
N GLY B 101 -1.99 2.83 26.74
CA GLY B 101 -0.83 3.69 26.39
C GLY B 101 -0.07 3.13 25.19
N GLN B 102 0.92 3.88 24.66
CA GLN B 102 1.73 3.52 23.47
C GLN B 102 2.97 2.72 23.90
N ASP B 103 3.41 2.87 25.16
CA ASP B 103 4.68 2.32 25.70
C ASP B 103 4.39 1.04 26.50
N TRP B 104 4.58 -0.10 25.85
CA TRP B 104 4.22 -1.42 26.40
C TRP B 104 5.49 -2.08 26.97
N THR B 105 6.65 -1.41 26.97
CA THR B 105 7.95 -2.02 27.37
C THR B 105 8.00 -2.25 28.91
N ASN B 106 7.05 -1.70 29.70
CA ASN B 106 6.83 -2.03 31.15
C ASN B 106 6.08 -3.38 31.38
N ASN B 107 5.33 -3.90 30.42
CA ASN B 107 4.62 -5.20 30.53
C ASN B 107 5.66 -6.29 30.85
N PRO B 108 5.47 -7.22 31.83
CA PRO B 108 6.58 -8.12 32.18
C PRO B 108 6.73 -9.28 31.19
N PHE B 109 5.73 -9.53 30.37
CA PHE B 109 5.74 -10.65 29.41
C PHE B 109 6.38 -10.16 28.11
N ASN B 110 7.51 -10.70 27.76
CA ASN B 110 8.13 -10.32 26.47
C ASN B 110 7.20 -10.70 25.32
N ASP B 111 6.48 -11.78 25.49
CA ASP B 111 5.50 -12.18 24.44
C ASP B 111 4.43 -11.11 24.26
N ASN B 112 3.91 -10.53 25.35
CA ASN B 112 2.87 -9.48 25.16
C ASN B 112 3.40 -8.38 24.25
N ILE B 113 4.61 -7.94 24.51
CA ILE B 113 5.24 -6.87 23.70
C ILE B 113 5.41 -7.33 22.26
N MET B 114 5.90 -8.55 22.06
CA MET B 114 6.26 -9.00 20.71
C MET B 114 4.99 -9.27 19.86
N TRP B 115 3.89 -9.78 20.42
CA TRP B 115 2.68 -9.98 19.61
C TRP B 115 2.27 -8.62 18.99
N TRP B 116 2.36 -7.56 19.77
CA TRP B 116 1.97 -6.20 19.32
C TRP B 116 3.03 -5.64 18.35
N ALA B 117 4.29 -5.94 18.58
CA ALA B 117 5.32 -5.47 17.65
C ALA B 117 5.03 -6.10 16.29
N MET B 118 4.74 -7.38 16.23
CA MET B 118 4.51 -8.06 14.95
C MET B 118 3.26 -7.42 14.36
N GLY B 119 2.20 -7.26 15.13
CA GLY B 119 1.01 -6.60 14.58
C GLY B 119 1.32 -5.24 13.96
N SER B 120 2.07 -4.44 14.66
CA SER B 120 2.43 -3.06 14.26
C SER B 120 3.22 -3.12 12.93
N ALA B 121 4.11 -4.09 12.78
CA ALA B 121 4.89 -4.26 11.55
C ALA B 121 3.94 -4.50 10.39
N ARG B 122 2.97 -5.40 10.57
CA ARG B 122 2.01 -5.68 9.51
C ARG B 122 1.19 -4.42 9.23
N ALA B 123 0.83 -3.67 10.25
CA ALA B 123 -0.04 -2.51 10.02
C ALA B 123 0.74 -1.49 9.17
N TYR B 124 2.03 -1.38 9.34
CA TYR B 124 2.87 -0.48 8.54
C TYR B 124 2.86 -0.96 7.08
N GLN B 125 3.00 -2.28 6.86
CA GLN B 125 2.95 -2.85 5.49
C GLN B 125 1.65 -2.41 4.82
N ILE B 126 0.51 -2.49 5.52
CA ILE B 126 -0.83 -2.29 4.88
C ILE B 126 -1.04 -0.77 4.73
N THR B 127 -0.72 0.02 5.76
CA THR B 127 -1.14 1.43 5.89
C THR B 127 -0.07 2.42 5.42
N GLY B 128 1.24 2.15 5.61
CA GLY B 128 2.37 3.08 5.42
C GLY B 128 2.37 4.21 6.46
N ASN B 129 1.59 4.07 7.50
CA ASN B 129 1.55 5.05 8.62
C ASN B 129 2.83 4.88 9.41
N PRO B 130 3.73 5.89 9.42
CA PRO B 130 5.00 5.74 10.13
C PRO B 130 4.93 5.44 11.63
N ARG B 131 3.80 5.79 12.27
N ARG B 131 3.83 5.76 12.31
CA ARG B 131 3.55 5.48 13.70
CA ARG B 131 3.75 5.47 13.76
C ARG B 131 3.73 3.96 13.91
C ARG B 131 3.71 3.93 13.95
N TYR B 132 3.29 3.15 12.95
CA TYR B 132 3.23 1.67 13.11
C TYR B 132 4.65 1.11 13.01
N LEU B 133 5.46 1.68 12.11
CA LEU B 133 6.88 1.25 12.02
C LEU B 133 7.64 1.67 13.27
N GLU B 134 7.46 2.88 13.78
CA GLU B 134 8.14 3.32 15.03
C GLU B 134 7.72 2.35 16.15
N ALA B 135 6.44 2.03 16.27
CA ALA B 135 5.96 1.10 17.34
C ALA B 135 6.66 -0.25 17.17
N ALA B 136 6.65 -0.78 15.97
CA ALA B 136 7.14 -2.17 15.72
C ALA B 136 8.61 -2.22 16.02
N ARG B 137 9.36 -1.28 15.47
CA ARG B 137 10.82 -1.24 15.66
C ARG B 137 11.17 -0.98 17.13
N ASP B 138 10.56 -0.01 17.80
CA ASP B 138 10.87 0.30 19.23
C ASP B 138 10.64 -0.93 20.12
N HIS B 139 9.51 -1.59 19.93
CA HIS B 139 9.10 -2.72 20.81
C HIS B 139 9.96 -3.94 20.49
N PHE B 140 10.14 -4.26 19.22
CA PHE B 140 11.06 -5.35 18.83
C PHE B 140 12.43 -5.10 19.42
N ASP B 141 12.98 -3.92 19.19
CA ASP B 141 14.37 -3.63 19.64
C ASP B 141 14.47 -3.77 21.16
N PHE B 142 13.50 -3.33 21.90
CA PHE B 142 13.55 -3.44 23.38
C PHE B 142 13.73 -4.91 23.75
N VAL B 143 12.86 -5.74 23.19
CA VAL B 143 12.88 -7.17 23.61
C VAL B 143 14.20 -7.80 23.13
N TYR B 144 14.49 -7.72 21.84
CA TYR B 144 15.64 -8.45 21.28
C TYR B 144 16.91 -7.96 21.95
N ASP B 145 17.06 -6.65 22.04
CA ASP B 145 18.34 -6.05 22.50
C ASP B 145 18.56 -6.40 23.97
N THR B 146 17.52 -6.36 24.79
CA THR B 146 17.68 -6.49 26.26
C THR B 146 17.32 -7.89 26.75
N GLN B 147 16.60 -8.73 25.98
CA GLN B 147 16.04 -9.99 26.55
C GLN B 147 16.61 -11.21 25.80
N TRP B 148 17.28 -11.03 24.65
CA TRP B 148 18.14 -12.11 24.11
C TRP B 148 19.32 -12.31 25.04
N ASP B 149 19.61 -13.57 25.37
CA ASP B 149 20.65 -13.90 26.35
C ASP B 149 21.44 -15.12 25.90
N GLU B 150 22.78 -15.08 26.08
CA GLU B 150 23.64 -16.24 25.75
C GLU B 150 24.16 -16.94 27.01
N GLU B 151 23.85 -16.46 28.20
CA GLU B 151 24.35 -17.09 29.46
C GLU B 151 23.66 -18.44 29.67
N PHE B 152 22.38 -18.53 29.35
CA PHE B 152 21.57 -19.76 29.53
C PHE B 152 21.27 -20.38 28.16
N ALA B 153 21.72 -21.61 27.93
CA ALA B 153 21.28 -22.42 26.77
C ALA B 153 21.77 -21.83 25.43
N ASN B 154 22.86 -21.07 25.48
CA ASN B 154 23.60 -20.52 24.32
C ASN B 154 22.75 -19.62 23.43
N GLY B 155 21.71 -19.01 23.96
CA GLY B 155 20.89 -18.12 23.15
C GLY B 155 19.47 -18.13 23.61
N GLY B 156 18.64 -17.40 22.87
CA GLY B 156 17.19 -17.40 23.09
C GLY B 156 16.74 -16.22 23.96
N ILE B 157 15.52 -15.77 23.71
CA ILE B 157 14.87 -14.68 24.44
C ILE B 157 14.13 -15.27 25.66
N TRP B 158 14.30 -14.59 26.78
CA TRP B 158 13.58 -14.87 28.01
C TRP B 158 12.10 -14.68 27.82
N TRP B 159 11.32 -15.49 28.54
CA TRP B 159 9.86 -15.34 28.57
C TRP B 159 9.50 -13.96 29.14
N LEU B 160 10.05 -13.66 30.31
CA LEU B 160 9.69 -12.47 31.12
C LEU B 160 10.86 -11.48 31.10
N ASN B 161 10.57 -10.19 31.30
CA ASN B 161 11.64 -9.21 31.55
C ASN B 161 11.73 -8.90 33.05
N SER B 162 10.84 -9.50 33.85
CA SER B 162 10.81 -9.26 35.32
C SER B 162 11.62 -10.31 36.10
N ASP B 163 11.67 -11.55 35.60
CA ASP B 163 12.42 -12.72 36.17
C ASP B 163 12.93 -13.52 34.98
N HIS B 164 14.11 -14.11 35.10
CA HIS B 164 14.76 -14.87 34.00
C HIS B 164 14.95 -16.33 34.42
N ASN B 165 13.95 -17.19 34.18
CA ASN B 165 13.97 -18.63 34.57
C ASN B 165 13.65 -19.56 33.39
N THR B 166 13.04 -19.05 32.31
CA THR B 166 12.59 -19.89 31.17
C THR B 166 12.64 -19.08 29.90
N LYS B 167 12.90 -19.78 28.82
CA LYS B 167 12.90 -19.27 27.43
C LYS B 167 11.86 -20.08 26.63
N ASN B 168 10.93 -19.37 25.99
CA ASN B 168 9.66 -20.04 25.59
C ASN B 168 9.45 -19.90 24.07
N ALA B 169 8.82 -20.91 23.49
CA ALA B 169 8.52 -20.89 22.03
C ALA B 169 7.63 -19.67 21.74
N CYS B 170 6.74 -19.30 22.64
CA CYS B 170 5.71 -18.26 22.38
C CYS B 170 6.30 -16.84 22.41
N ILE B 171 7.54 -16.65 22.80
CA ILE B 171 8.29 -15.39 22.56
C ILE B 171 9.25 -15.61 21.38
N ASN B 172 10.05 -16.68 21.38
CA ASN B 172 11.14 -16.77 20.38
C ASN B 172 10.59 -16.83 18.95
N PHE B 173 9.64 -17.71 18.63
CA PHE B 173 9.25 -17.83 17.19
C PHE B 173 8.46 -16.59 16.76
N PRO B 174 7.57 -16.00 17.58
CA PRO B 174 6.96 -14.71 17.18
C PRO B 174 8.02 -13.60 17.02
N ALA B 175 9.09 -13.65 17.79
CA ALA B 175 10.17 -12.64 17.65
C ALA B 175 10.79 -12.82 16.26
N ALA B 176 11.09 -14.07 15.90
CA ALA B 176 11.65 -14.31 14.54
C ALA B 176 10.70 -13.78 13.47
N GLN B 177 9.41 -14.03 13.63
CA GLN B 177 8.42 -13.49 12.68
C GLN B 177 8.46 -11.95 12.62
N ALA B 178 8.49 -11.29 13.77
CA ALA B 178 8.47 -9.83 13.81
C ALA B 178 9.72 -9.32 13.11
N ALA B 179 10.87 -9.97 13.34
CA ALA B 179 12.15 -9.58 12.73
C ALA B 179 11.98 -9.68 11.21
N LEU B 180 11.34 -10.74 10.74
CA LEU B 180 11.23 -10.94 9.28
C LEU B 180 10.31 -9.87 8.68
N TYR B 181 9.26 -9.45 9.37
CA TYR B 181 8.40 -8.33 8.85
C TYR B 181 9.24 -7.05 8.84
N LEU B 182 10.02 -6.80 9.89
CA LEU B 182 10.89 -5.59 9.94
C LEU B 182 11.92 -5.65 8.81
N TYR B 183 12.52 -6.80 8.56
CA TYR B 183 13.44 -6.98 7.39
C TYR B 183 12.75 -6.63 6.07
N ASP B 184 11.56 -7.17 5.85
CA ASP B 184 10.80 -6.94 4.61
C ASP B 184 10.57 -5.42 4.47
N ILE B 185 10.26 -4.71 5.54
CA ILE B 185 9.86 -3.28 5.49
C ILE B 185 11.12 -2.45 5.28
N THR B 186 12.18 -2.69 6.07
CA THR B 186 13.36 -1.76 6.14
C THR B 186 14.47 -2.14 5.15
N LYS B 187 14.52 -3.38 4.73
CA LYS B 187 15.65 -4.12 4.10
C LYS B 187 16.93 -3.95 4.93
N ASP B 188 16.80 -3.66 6.22
CA ASP B 188 17.96 -3.66 7.11
C ASP B 188 18.28 -5.12 7.45
N GLU B 189 19.44 -5.60 7.01
CA GLU B 189 19.88 -7.01 7.19
C GLU B 189 20.03 -7.33 8.67
N HIS B 190 20.19 -6.34 9.54
CA HIS B 190 20.18 -6.61 10.99
C HIS B 190 18.97 -7.47 11.37
N TYR B 191 17.81 -7.16 10.79
CA TYR B 191 16.55 -7.87 11.16
C TYR B 191 16.53 -9.28 10.56
N LEU B 192 17.09 -9.49 9.37
CA LEU B 192 17.25 -10.88 8.88
C LEU B 192 18.21 -11.67 9.76
N ASN B 193 19.31 -11.04 10.17
CA ASN B 193 20.30 -11.71 11.06
C ASN B 193 19.62 -12.12 12.37
N ALA B 194 18.81 -11.23 12.94
CA ALA B 194 18.08 -11.50 14.19
C ALA B 194 17.12 -12.66 13.96
N ALA B 195 16.32 -12.62 12.90
CA ALA B 195 15.37 -13.73 12.63
C ALA B 195 16.10 -15.06 12.48
N THR B 196 17.20 -15.06 11.74
CA THR B 196 18.03 -16.24 11.51
C THR B 196 18.56 -16.75 12.84
N LYS B 197 19.14 -15.86 13.64
CA LYS B 197 19.77 -16.26 14.93
CA LYS B 197 19.77 -16.28 14.92
C LYS B 197 18.72 -16.87 15.88
N ILE B 198 17.57 -16.21 15.98
CA ILE B 198 16.48 -16.65 16.89
C ILE B 198 15.97 -18.00 16.42
N PHE B 199 15.71 -18.11 15.12
CA PHE B 199 15.12 -19.35 14.59
C PHE B 199 16.10 -20.52 14.70
N ARG B 200 17.38 -20.32 14.38
CA ARG B 200 18.38 -21.40 14.47
C ARG B 200 18.47 -21.90 15.92
N TRP B 201 18.54 -20.99 16.87
CA TRP B 201 18.54 -21.32 18.31
C TRP B 201 17.28 -22.11 18.66
N GLY B 202 16.15 -21.58 18.24
CA GLY B 202 14.88 -22.21 18.61
C GLY B 202 14.70 -23.59 18.04
N LYS B 203 15.09 -23.78 16.79
CA LYS B 203 15.02 -25.17 16.24
C LYS B 203 15.93 -26.08 17.08
N THR B 204 17.13 -25.64 17.46
CA THR B 204 18.06 -26.52 18.20
C THR B 204 17.49 -26.81 19.58
N MET B 205 17.06 -25.79 20.33
CA MET B 205 16.78 -25.96 21.78
C MET B 205 15.29 -26.16 22.09
N LEU B 206 14.39 -25.73 21.20
CA LEU B 206 12.94 -25.78 21.46
C LEU B 206 12.23 -26.65 20.42
N THR B 207 12.93 -27.56 19.76
CA THR B 207 12.23 -28.59 18.96
C THR B 207 13.00 -29.92 19.06
N ASP B 208 12.37 -31.00 18.62
CA ASP B 208 13.06 -32.32 18.54
C ASP B 208 13.81 -32.47 17.21
N GLY B 209 13.98 -31.39 16.44
CA GLY B 209 14.73 -31.41 15.16
C GLY B 209 13.94 -32.00 14.02
N ASN B 210 12.72 -32.45 14.30
CA ASN B 210 11.85 -33.15 13.32
C ASN B 210 10.45 -32.52 13.33
N GLY B 211 10.33 -31.24 13.74
CA GLY B 211 9.10 -30.45 13.55
C GLY B 211 8.22 -30.37 14.79
N LYS B 212 8.52 -31.08 15.87
CA LYS B 212 7.74 -30.97 17.13
C LYS B 212 8.34 -29.80 17.93
N VAL B 213 7.52 -28.79 18.17
CA VAL B 213 7.96 -27.58 18.90
C VAL B 213 7.61 -27.69 20.39
N PHE B 214 8.66 -27.59 21.21
CA PHE B 214 8.52 -27.67 22.68
C PHE B 214 7.97 -26.35 23.17
N ASP B 215 7.32 -26.39 24.31
CA ASP B 215 6.73 -25.18 24.88
C ASP B 215 7.85 -24.23 25.33
N ARG B 216 8.86 -24.74 26.03
CA ARG B 216 9.84 -23.88 26.70
C ARG B 216 11.00 -24.74 27.19
N ILE B 217 12.05 -24.03 27.59
CA ILE B 217 13.23 -24.62 28.26
C ILE B 217 13.44 -23.81 29.54
N GLU B 218 13.48 -24.52 30.65
CA GLU B 218 13.61 -23.91 31.98
C GLU B 218 15.02 -24.16 32.54
N ILE B 219 15.51 -23.21 33.33
CA ILE B 219 16.84 -23.33 33.95
C ILE B 219 16.90 -24.62 34.78
N GLU B 220 15.91 -24.92 35.61
CA GLU B 220 16.08 -26.03 36.61
C GLU B 220 15.77 -27.37 35.92
N HIS B 221 14.65 -27.42 35.23
CA HIS B 221 13.94 -28.63 34.74
C HIS B 221 14.39 -28.92 33.31
N GLY B 222 14.98 -28.00 32.57
CA GLY B 222 15.28 -28.24 31.14
C GLY B 222 14.07 -28.08 30.21
N ALA B 223 14.08 -28.82 29.10
CA ALA B 223 13.04 -28.64 28.07
C ALA B 223 11.73 -29.25 28.56
N VAL B 224 10.64 -28.58 28.19
CA VAL B 224 9.24 -29.03 28.42
C VAL B 224 8.62 -29.31 27.07
N PRO B 225 8.54 -30.60 26.66
CA PRO B 225 8.18 -30.96 25.29
C PRO B 225 6.65 -31.03 25.01
N ASP B 226 5.91 -30.09 25.57
CA ASP B 226 4.44 -29.96 25.40
C ASP B 226 4.19 -29.16 24.12
N ALA B 227 3.60 -29.77 23.11
CA ALA B 227 3.32 -29.12 21.81
C ALA B 227 1.90 -28.57 21.77
N THR B 228 1.75 -27.43 21.10
CA THR B 228 0.46 -26.75 20.95
C THR B 228 0.32 -26.17 19.57
N HIS B 229 -0.93 -25.87 19.23
CA HIS B 229 -1.22 -25.27 17.93
C HIS B 229 -0.42 -23.98 17.69
N TYR B 230 -0.44 -23.05 18.66
CA TYR B 230 0.11 -21.71 18.36
C TYR B 230 1.64 -21.76 18.21
N ASN B 231 2.33 -22.66 18.94
CA ASN B 231 3.80 -22.79 18.85
C ASN B 231 4.21 -23.58 17.60
N GLN B 232 3.41 -24.55 17.19
CA GLN B 232 3.61 -25.09 15.82
C GLN B 232 3.47 -23.94 14.78
N GLY B 233 2.42 -23.14 14.95
CA GLY B 233 2.10 -22.10 13.96
C GLY B 233 3.20 -21.07 13.80
N THR B 234 3.73 -20.51 14.87
CA THR B 234 4.73 -19.44 14.73
C THR B 234 6.05 -20.03 14.23
N TYR B 235 6.36 -21.27 14.63
CA TYR B 235 7.54 -21.94 14.09
C TYR B 235 7.40 -22.09 12.57
N ILE B 236 6.24 -22.55 12.11
CA ILE B 236 5.97 -22.71 10.64
C ILE B 236 6.08 -21.35 9.95
N GLY B 237 5.47 -20.32 10.51
CA GLY B 237 5.48 -19.01 9.84
C GLY B 237 6.86 -18.42 9.78
N SER B 238 7.65 -18.58 10.87
CA SER B 238 9.03 -18.01 10.87
C SER B 238 9.86 -18.83 9.83
N ALA B 239 9.63 -20.12 9.73
CA ALA B 239 10.35 -20.97 8.77
C ALA B 239 10.01 -20.53 7.35
N VAL B 240 8.73 -20.35 7.07
CA VAL B 240 8.30 -19.94 5.70
C VAL B 240 8.87 -18.55 5.37
N GLY B 241 8.83 -17.64 6.33
CA GLY B 241 9.39 -16.30 6.11
C GLY B 241 10.90 -16.33 5.87
N LEU B 242 11.65 -17.18 6.57
CA LEU B 242 13.09 -17.30 6.30
C LEU B 242 13.30 -17.91 4.94
N TYR B 243 12.45 -18.85 4.51
CA TYR B 243 12.57 -19.34 3.12
C TYR B 243 12.40 -18.19 2.16
N LYS B 244 11.35 -17.38 2.33
CA LYS B 244 11.03 -16.27 1.41
C LYS B 244 12.19 -15.26 1.40
N ALA B 245 12.78 -14.99 2.58
CA ALA B 245 13.88 -14.00 2.70
C ALA B 245 15.21 -14.51 2.10
N THR B 246 15.47 -15.82 2.12
CA THR B 246 16.81 -16.39 1.80
C THR B 246 16.79 -17.22 0.52
N GLY B 247 15.67 -17.85 0.18
CA GLY B 247 15.57 -18.88 -0.87
C GLY B 247 16.17 -20.23 -0.46
N ASN B 248 16.51 -20.39 0.81
CA ASN B 248 17.16 -21.64 1.30
C ASN B 248 16.03 -22.62 1.62
N ALA B 249 15.93 -23.67 0.81
CA ALA B 249 14.88 -24.72 0.90
C ALA B 249 14.86 -25.43 2.24
N VAL B 250 15.95 -25.42 2.99
N VAL B 250 15.97 -25.46 2.98
CA VAL B 250 15.95 -26.10 4.31
CA VAL B 250 15.95 -26.11 4.33
C VAL B 250 14.90 -25.49 5.25
C VAL B 250 14.77 -25.53 5.14
N TYR B 251 14.54 -24.21 5.07
CA TYR B 251 13.55 -23.56 5.95
C TYR B 251 12.15 -24.05 5.56
N LEU B 252 11.93 -24.30 4.27
CA LEU B 252 10.64 -24.90 3.83
C LEU B 252 10.56 -26.35 4.30
N ASP B 253 11.67 -27.11 4.27
CA ASP B 253 11.68 -28.49 4.83
C ASP B 253 11.28 -28.41 6.33
N ASP B 254 11.86 -27.45 7.06
CA ASP B 254 11.53 -27.27 8.51
C ASP B 254 10.03 -27.04 8.65
N ALA B 255 9.50 -26.15 7.82
CA ALA B 255 8.05 -25.82 7.90
C ALA B 255 7.21 -27.06 7.65
N VAL B 256 7.56 -27.79 6.59
CA VAL B 256 6.79 -29.00 6.22
C VAL B 256 6.84 -30.02 7.36
N LYS B 257 8.02 -30.28 7.92
CA LYS B 257 8.12 -31.22 9.05
C LYS B 257 7.23 -30.75 10.20
N ALA B 258 7.16 -29.45 10.48
CA ALA B 258 6.31 -29.00 11.61
C ALA B 258 4.84 -29.12 11.25
N ALA B 259 4.50 -28.93 9.99
CA ALA B 259 3.07 -29.07 9.55
C ALA B 259 2.67 -30.54 9.60
N LYS B 260 3.59 -31.41 9.22
CA LYS B 260 3.32 -32.85 9.28
C LYS B 260 3.16 -33.31 10.74
N PHE B 261 3.99 -32.83 11.65
CA PHE B 261 3.76 -33.14 13.08
C PHE B 261 2.34 -32.70 13.48
N THR B 262 1.97 -31.47 13.13
CA THR B 262 0.69 -30.87 13.56
C THR B 262 -0.48 -31.75 13.10
N LYS B 263 -0.50 -32.07 11.81
CA LYS B 263 -1.66 -32.73 11.18
C LYS B 263 -1.79 -34.19 11.62
N ASN B 264 -0.74 -34.80 12.18
CA ASN B 264 -0.82 -36.20 12.61
C ASN B 264 -0.96 -36.33 14.12
N HIS B 265 -0.65 -35.28 14.88
CA HIS B 265 -0.63 -35.37 16.36
C HIS B 265 -1.64 -34.44 16.99
N LEU B 266 -1.79 -33.18 16.54
CA LEU B 266 -2.63 -32.17 17.26
C LEU B 266 -4.04 -32.14 16.68
N VAL B 267 -4.56 -33.34 16.42
CA VAL B 267 -5.82 -33.61 15.71
C VAL B 267 -6.53 -34.73 16.45
N ASP B 268 -7.82 -34.79 16.26
CA ASP B 268 -8.64 -35.96 16.68
C ASP B 268 -8.45 -37.08 15.65
N SER B 269 -9.07 -38.23 15.88
CA SER B 269 -8.91 -39.41 14.98
C SER B 269 -9.51 -39.20 13.60
N ASN B 270 -10.36 -38.21 13.43
N ASN B 270 -10.32 -38.17 13.47
CA ASN B 270 -10.98 -37.91 12.12
CA ASN B 270 -11.00 -37.76 12.22
C ASN B 270 -10.17 -36.78 11.45
C ASN B 270 -10.09 -36.84 11.39
N GLY B 271 -8.98 -36.42 11.98
CA GLY B 271 -8.05 -35.45 11.41
C GLY B 271 -8.46 -34.00 11.66
N VAL B 272 -9.44 -33.74 12.54
CA VAL B 272 -9.83 -32.33 12.82
C VAL B 272 -8.93 -31.77 13.90
N LEU B 273 -8.38 -30.57 13.70
CA LEU B 273 -7.55 -29.93 14.72
C LEU B 273 -8.26 -29.97 16.05
N ASN B 274 -7.49 -30.31 17.09
CA ASN B 274 -7.82 -30.50 18.54
C ASN B 274 -8.50 -29.23 19.08
N TYR B 275 -9.25 -29.37 20.15
CA TYR B 275 -9.69 -28.24 21.01
C TYR B 275 -8.78 -28.22 22.23
N GLU B 276 -8.11 -27.08 22.48
CA GLU B 276 -7.07 -27.00 23.53
C GLU B 276 -7.56 -26.24 24.80
N GLY B 277 -8.85 -25.97 24.97
CA GLY B 277 -9.30 -25.56 26.33
C GLY B 277 -8.98 -26.59 27.42
N PRO B 278 -9.14 -26.27 28.74
CA PRO B 278 -9.77 -25.01 29.13
C PRO B 278 -8.86 -23.78 29.27
N ASN B 279 -7.55 -23.97 29.18
CA ASN B 279 -6.60 -22.84 29.22
C ASN B 279 -7.07 -21.72 28.26
N GLY B 280 -7.21 -20.52 28.77
CA GLY B 280 -7.81 -19.45 28.01
C GLY B 280 -6.88 -18.98 26.90
N ASP B 281 -5.57 -19.08 27.14
CA ASP B 281 -4.60 -18.67 26.09
C ASP B 281 -4.64 -19.68 24.93
N LEU B 282 -4.71 -20.97 25.23
CA LEU B 282 -4.61 -22.03 24.21
C LEU B 282 -5.91 -22.16 23.43
N LYS B 283 -7.07 -21.87 24.05
N LYS B 283 -7.05 -21.87 24.05
CA LYS B 283 -8.40 -22.14 23.46
CA LYS B 283 -8.40 -22.15 23.49
C LYS B 283 -8.51 -21.61 22.03
C LYS B 283 -8.55 -21.60 22.07
N GLY B 284 -7.97 -20.43 21.79
CA GLY B 284 -8.03 -19.80 20.47
C GLY B 284 -6.82 -20.09 19.60
N GLY B 285 -5.87 -20.95 20.01
CA GLY B 285 -4.57 -21.06 19.33
C GLY B 285 -4.67 -21.57 17.91
N LYS B 286 -5.77 -22.23 17.54
CA LYS B 286 -6.02 -22.56 16.13
C LYS B 286 -6.00 -21.30 15.25
N THR B 287 -6.33 -20.13 15.77
CA THR B 287 -6.33 -18.89 14.99
C THR B 287 -4.89 -18.64 14.48
N ILE B 288 -3.92 -18.75 15.36
CA ILE B 288 -2.51 -18.46 15.01
C ILE B 288 -2.01 -19.60 14.09
N LEU B 289 -2.39 -20.82 14.41
CA LEU B 289 -1.97 -21.96 13.57
C LEU B 289 -2.51 -21.77 12.15
N MET B 290 -3.82 -21.51 11.97
CA MET B 290 -4.38 -21.46 10.62
C MET B 290 -3.74 -20.31 9.83
N ARG B 291 -3.52 -19.18 10.47
CA ARG B 291 -2.86 -18.00 9.82
C ARG B 291 -1.53 -18.46 9.19
N ASN B 292 -0.73 -19.19 9.94
CA ASN B 292 0.60 -19.61 9.47
C ASN B 292 0.55 -20.83 8.55
N LEU B 293 -0.39 -21.75 8.73
CA LEU B 293 -0.56 -22.86 7.74
C LEU B 293 -0.91 -22.27 6.38
N ALA B 294 -1.70 -21.20 6.30
CA ALA B 294 -2.00 -20.52 5.05
C ALA B 294 -0.74 -19.99 4.37
N HIS B 295 0.23 -19.45 5.10
CA HIS B 295 1.48 -19.01 4.45
C HIS B 295 2.13 -20.25 3.80
N LEU B 296 2.20 -21.36 4.55
CA LEU B 296 2.86 -22.57 4.01
C LEU B 296 2.10 -23.04 2.79
N GLN B 297 0.75 -23.03 2.82
CA GLN B 297 -0.09 -23.51 1.68
C GLN B 297 0.22 -22.66 0.46
N LYS B 298 0.17 -21.34 0.59
CA LYS B 298 0.42 -20.41 -0.57
C LYS B 298 1.86 -20.64 -1.08
N THR B 299 2.85 -20.79 -0.20
CA THR B 299 4.26 -20.94 -0.64
C THR B 299 4.44 -22.29 -1.37
N LEU B 300 3.92 -23.41 -0.87
CA LEU B 300 4.03 -24.70 -1.58
C LEU B 300 3.32 -24.56 -2.93
N ASP B 301 2.13 -23.97 -2.95
CA ASP B 301 1.30 -23.85 -4.18
C ASP B 301 2.13 -23.08 -5.21
N GLU B 302 2.84 -22.02 -4.81
CA GLU B 302 3.55 -21.09 -5.73
C GLU B 302 4.88 -21.66 -6.20
N THR B 303 5.59 -22.45 -5.39
CA THR B 303 7.00 -22.88 -5.62
C THR B 303 7.07 -24.30 -6.19
N GLY B 304 6.02 -25.12 -6.06
CA GLY B 304 6.02 -26.55 -6.43
C GLY B 304 6.97 -27.32 -5.54
N GLN B 305 7.39 -26.78 -4.41
CA GLN B 305 8.13 -27.59 -3.40
C GLN B 305 7.18 -28.64 -2.77
N TYR B 306 7.71 -29.82 -2.44
CA TYR B 306 6.98 -30.89 -1.70
C TYR B 306 5.58 -31.12 -2.31
N PRO B 307 5.48 -31.47 -3.60
CA PRO B 307 4.16 -31.57 -4.26
C PRO B 307 3.25 -32.69 -3.73
N GLU B 308 3.77 -33.81 -3.26
CA GLU B 308 2.92 -34.89 -2.67
C GLU B 308 2.28 -34.34 -1.40
N PHE B 309 3.12 -33.79 -0.53
CA PHE B 309 2.66 -33.24 0.75
C PHE B 309 1.64 -32.15 0.45
N SER B 310 1.98 -31.24 -0.46
CA SER B 310 1.11 -30.08 -0.82
C SER B 310 -0.33 -30.53 -1.12
N ALA B 311 -0.50 -31.56 -1.95
CA ALA B 311 -1.84 -32.06 -2.33
C ALA B 311 -2.55 -32.54 -1.06
N GLU B 312 -1.87 -33.34 -0.24
CA GLU B 312 -2.44 -33.96 0.98
C GLU B 312 -2.77 -32.85 1.99
N PHE B 313 -1.87 -31.88 2.10
CA PHE B 313 -2.01 -30.75 3.03
C PHE B 313 -3.22 -29.90 2.64
N ASP B 314 -3.35 -29.61 1.37
CA ASP B 314 -4.48 -28.81 0.85
C ASP B 314 -5.81 -29.55 1.15
N GLU B 315 -5.87 -30.87 0.93
CA GLU B 315 -7.09 -31.66 1.23
C GLU B 315 -7.41 -31.57 2.73
N TRP B 316 -6.39 -31.74 3.57
CA TRP B 316 -6.54 -31.73 5.04
C TRP B 316 -7.02 -30.35 5.50
N LEU B 317 -6.49 -29.28 4.90
CA LEU B 317 -6.92 -27.88 5.26
C LEU B 317 -8.38 -27.68 4.86
N ALA B 318 -8.76 -28.17 3.68
CA ALA B 318 -10.15 -27.99 3.19
C ALA B 318 -11.13 -28.76 4.10
N PHE B 319 -10.72 -29.93 4.59
CA PHE B 319 -11.52 -30.80 5.47
C PHE B 319 -11.72 -30.07 6.78
N ASN B 320 -10.66 -29.51 7.32
CA ASN B 320 -10.76 -28.75 8.59
C ASN B 320 -11.71 -27.55 8.41
N ILE B 321 -11.56 -26.81 7.33
CA ILE B 321 -12.39 -25.62 7.07
C ILE B 321 -13.85 -26.04 6.91
N GLU B 322 -14.16 -27.18 6.27
CA GLU B 322 -15.54 -27.71 6.20
C GLU B 322 -16.03 -28.04 7.60
N MET B 323 -15.23 -28.67 8.43
CA MET B 323 -15.61 -28.97 9.83
CA MET B 323 -15.66 -28.98 9.81
C MET B 323 -16.02 -27.66 10.52
N ALA B 324 -15.18 -26.66 10.43
CA ALA B 324 -15.47 -25.35 11.07
C ALA B 324 -16.76 -24.73 10.49
N TRP B 325 -16.90 -24.67 9.17
CA TRP B 325 -18.13 -24.19 8.44
C TRP B 325 -19.39 -24.88 9.03
N SER B 326 -19.34 -26.21 9.16
CA SER B 326 -20.50 -27.07 9.47
C SER B 326 -20.96 -26.81 10.90
N HIS B 327 -20.08 -26.19 11.69
CA HIS B 327 -20.24 -25.97 13.14
C HIS B 327 -20.79 -24.57 13.44
N GLN B 328 -21.14 -23.77 12.44
CA GLN B 328 -21.60 -22.38 12.70
C GLN B 328 -23.02 -22.38 13.29
N ASN B 329 -23.29 -21.39 14.15
CA ASN B 329 -24.65 -21.09 14.66
C ASN B 329 -25.42 -20.22 13.64
N SER B 330 -26.68 -19.82 13.92
CA SER B 330 -27.53 -18.97 13.03
C SER B 330 -26.91 -17.57 12.84
N ASP B 331 -26.05 -17.10 13.77
CA ASP B 331 -25.36 -15.79 13.65
C ASP B 331 -23.98 -15.94 12.96
N HIS B 332 -23.70 -17.09 12.37
CA HIS B 332 -22.51 -17.37 11.55
C HIS B 332 -21.25 -17.35 12.44
N ILE B 333 -21.41 -17.67 13.73
CA ILE B 333 -20.30 -17.78 14.72
C ILE B 333 -19.99 -19.25 14.95
N VAL B 334 -18.68 -19.57 15.05
CA VAL B 334 -18.22 -20.96 15.23
C VAL B 334 -17.42 -21.03 16.53
N ASP B 335 -17.91 -21.75 17.54
CA ASP B 335 -17.13 -22.01 18.78
C ASP B 335 -15.85 -22.74 18.39
N GLY B 336 -14.84 -22.62 19.21
CA GLY B 336 -13.53 -23.25 18.99
C GLY B 336 -13.53 -24.77 19.03
N ASN B 337 -14.56 -25.39 19.58
CA ASN B 337 -14.62 -26.89 19.62
C ASN B 337 -15.20 -27.36 18.29
N TRP B 338 -14.37 -27.40 17.24
CA TRP B 338 -14.89 -27.54 15.86
C TRP B 338 -15.62 -28.87 15.66
N ALA B 339 -15.26 -29.88 16.42
CA ALA B 339 -15.79 -31.25 16.28
C ALA B 339 -17.02 -31.39 17.20
N GLY B 340 -17.33 -30.38 18.00
CA GLY B 340 -18.26 -30.57 19.13
C GLY B 340 -19.71 -30.53 18.68
N GLN B 341 -20.61 -30.91 19.58
CA GLN B 341 -22.05 -30.52 19.55
C GLN B 341 -22.15 -29.00 19.40
N LEU B 342 -23.09 -28.53 18.58
CA LEU B 342 -23.49 -27.09 18.52
C LEU B 342 -24.07 -26.69 19.88
N LEU B 343 -23.45 -25.69 20.49
CA LEU B 343 -23.84 -25.04 21.78
C LEU B 343 -24.14 -23.56 21.57
N GLY B 345 -25.17 -21.20 24.15
CA GLY B 345 -24.65 -20.52 25.36
C GLY B 345 -23.73 -19.33 25.07
N THR B 346 -22.82 -19.01 25.99
CA THR B 346 -21.88 -17.88 25.86
C THR B 346 -20.83 -18.30 24.84
N TYR B 347 -20.53 -17.44 23.86
CA TYR B 347 -19.43 -17.65 22.89
C TYR B 347 -18.30 -16.69 23.20
N GLU B 348 -17.05 -17.18 23.12
CA GLU B 348 -15.81 -16.37 23.40
C GLU B 348 -15.19 -15.88 22.09
N SER B 349 -14.72 -14.65 22.03
CA SER B 349 -14.13 -14.10 20.76
C SER B 349 -12.81 -14.79 20.41
N TRP B 350 -11.99 -15.21 21.38
CA TRP B 350 -10.71 -15.88 21.01
C TRP B 350 -10.98 -17.27 20.44
N SER B 351 -11.76 -18.09 21.15
CA SER B 351 -12.17 -19.42 20.67
C SER B 351 -12.82 -19.29 19.27
N SER B 352 -13.69 -18.30 19.08
CA SER B 352 -14.47 -18.19 17.82
C SER B 352 -13.67 -17.61 16.67
N ALA B 353 -12.53 -17.04 16.93
CA ALA B 353 -11.74 -16.35 15.90
C ALA B 353 -11.21 -17.39 14.91
N ALA B 354 -10.97 -18.60 15.37
CA ALA B 354 -10.20 -19.55 14.53
C ALA B 354 -10.94 -19.85 13.24
N ALA B 355 -12.26 -20.00 13.32
CA ALA B 355 -13.07 -20.31 12.12
C ALA B 355 -12.99 -19.12 11.13
N VAL B 356 -13.05 -17.92 11.67
CA VAL B 356 -12.93 -16.68 10.85
C VAL B 356 -11.58 -16.66 10.14
N GLN B 357 -10.51 -17.00 10.85
CA GLN B 357 -9.16 -17.00 10.25
C GLN B 357 -9.14 -18.06 9.14
N ALA B 358 -9.66 -19.26 9.41
CA ALA B 358 -9.66 -20.36 8.43
C ALA B 358 -10.30 -19.93 7.10
N LEU B 359 -11.36 -19.12 7.17
CA LEU B 359 -12.13 -18.75 5.96
C LEU B 359 -11.52 -17.53 5.30
N ASN B 360 -10.50 -16.93 5.89
CA ASN B 360 -9.77 -15.75 5.37
C ASN B 360 -8.32 -16.14 5.10
N GLY B 361 -8.15 -17.37 4.57
CA GLY B 361 -6.87 -17.96 4.10
C GLY B 361 -6.50 -17.45 2.70
#